data_6KV2
#
_entry.id   6KV2
#
_cell.length_a   64.586
_cell.length_b   84.753
_cell.length_c   126.644
_cell.angle_alpha   90.000
_cell.angle_beta   90.000
_cell.angle_gamma   90.000
#
_symmetry.space_group_name_H-M   'P 21 21 21'
#
loop_
_entity.id
_entity.type
_entity.pdbx_description
1 polymer 'Trypsin inhibitor 1'
2 water water
#
_entity_poly.entity_id   1
_entity_poly.type   'polypeptide(L)'
_entity_poly.pdbx_seq_one_letter_code
;GASGS(MSE)IVFDSDGDFLRNGGTY(MSE)LSPPNGGGGILAAAIKQGSDRDCSLGVIQHESYTGWPVTISALVRPTFI
STSFQLLLSFAYIPPNVCTKNSDWIIKSSNDFEGTV(MSE)LGDDKNPVGSLFFIKSYDSSKNYYKLVVCGGRGDEHCRN
IGVDKDENGYKRLVVTEGEPLVLQFDKVNKGNFAFESNLS(MSE)VV
;
_entity_poly.pdbx_strand_id   A,B,D,C
#
# COMPACT_ATOMS: atom_id res chain seq x y z
N GLY A 4 -23.06 -5.67 -2.78
CA GLY A 4 -22.82 -5.62 -4.20
C GLY A 4 -21.59 -4.81 -4.55
N SER A 5 -20.58 -5.48 -5.11
CA SER A 5 -19.31 -4.84 -5.45
C SER A 5 -19.45 -3.77 -6.53
N ILE A 7 -17.52 0.30 -7.59
CA ILE A 7 -16.41 1.20 -7.32
C ILE A 7 -16.91 2.46 -6.61
N VAL A 8 -16.11 2.92 -5.66
CA VAL A 8 -16.45 4.11 -4.89
C VAL A 8 -16.08 5.36 -5.68
N PHE A 9 -16.93 6.38 -5.60
CA PHE A 9 -16.67 7.67 -6.24
C PHE A 9 -16.30 8.71 -5.21
N ASP A 10 -15.40 9.61 -5.58
CA ASP A 10 -15.14 10.80 -4.76
C ASP A 10 -16.23 11.81 -5.10
N SER A 11 -16.20 12.97 -4.45
CA SER A 11 -17.26 13.97 -4.62
C SER A 11 -17.35 14.53 -6.04
N ASP A 12 -16.27 14.38 -6.81
CA ASP A 12 -16.24 14.90 -8.17
C ASP A 12 -16.78 13.91 -9.19
N GLY A 13 -17.04 12.67 -8.74
CA GLY A 13 -17.52 11.62 -9.62
C GLY A 13 -16.39 10.83 -10.26
N ASP A 14 -15.18 10.99 -9.73
CA ASP A 14 -14.04 10.18 -10.16
C ASP A 14 -13.90 8.93 -9.28
N PHE A 15 -13.40 7.85 -9.86
CA PHE A 15 -13.14 6.63 -9.10
C PHE A 15 -12.23 6.92 -7.90
N LEU A 16 -12.58 6.37 -6.74
CA LEU A 16 -11.73 6.50 -5.56
C LEU A 16 -10.46 5.69 -5.76
N ARG A 17 -9.32 6.31 -5.50
CA ARG A 17 -8.02 5.71 -5.77
C ARG A 17 -7.47 4.95 -4.56
N ASN A 18 -6.98 3.74 -4.82
CA ASN A 18 -6.31 2.92 -3.83
C ASN A 18 -5.02 3.59 -3.36
N GLY A 19 -4.88 3.78 -2.05
CA GLY A 19 -3.72 4.44 -1.48
C GLY A 19 -3.85 5.96 -1.56
N GLY A 20 -5.00 6.43 -2.01
CA GLY A 20 -5.24 7.86 -2.15
C GLY A 20 -5.59 8.48 -0.81
N THR A 21 -5.52 9.80 -0.74
CA THR A 21 -5.84 10.53 0.47
C THR A 21 -7.01 11.48 0.21
N TYR A 22 -8.02 11.41 1.08
CA TYR A 22 -9.25 12.17 0.91
C TYR A 22 -9.73 12.81 2.19
N LEU A 24 -12.69 13.52 4.52
CA LEU A 24 -14.02 13.01 4.80
C LEU A 24 -14.98 14.18 4.96
N SER A 25 -16.02 14.20 4.14
CA SER A 25 -16.92 15.34 4.07
C SER A 25 -18.37 14.91 4.28
N PRO A 26 -18.84 14.94 5.54
CA PRO A 26 -20.22 14.57 5.86
C PRO A 26 -21.25 15.49 5.18
N PRO A 27 -22.08 14.95 4.27
CA PRO A 27 -23.04 15.82 3.57
C PRO A 27 -24.10 16.42 4.49
N ASN A 28 -24.32 15.81 5.65
CA ASN A 28 -25.40 16.22 6.53
C ASN A 28 -24.92 16.97 7.76
N GLY A 29 -23.79 17.66 7.61
CA GLY A 29 -23.29 18.56 8.64
C GLY A 29 -22.61 17.86 9.80
N GLY A 30 -22.19 18.66 10.78
CA GLY A 30 -21.56 18.15 11.99
C GLY A 30 -20.09 18.52 12.09
N GLY A 31 -19.49 18.88 10.96
CA GLY A 31 -18.10 19.29 10.92
C GLY A 31 -17.17 18.19 10.44
N GLY A 32 -15.87 18.47 10.45
CA GLY A 32 -14.88 17.57 9.91
C GLY A 32 -14.45 16.48 10.88
N ILE A 33 -13.56 15.61 10.40
CA ILE A 33 -13.09 14.46 11.17
C ILE A 33 -11.64 14.63 11.58
N LEU A 34 -11.37 14.47 12.86
CA LEU A 34 -10.01 14.56 13.38
C LEU A 34 -9.92 13.79 14.70
N ALA A 35 -9.06 14.22 15.62
CA ALA A 35 -8.87 13.48 16.86
C ALA A 35 -8.71 14.38 18.08
N ALA A 36 -8.95 13.78 19.24
CA ALA A 36 -8.75 14.43 20.53
C ALA A 36 -8.12 13.44 21.50
N ALA A 37 -7.38 13.96 22.48
CA ALA A 37 -6.70 13.11 23.45
C ALA A 37 -7.69 12.50 24.45
N ILE A 38 -7.59 11.18 24.62
CA ILE A 38 -8.33 10.46 25.66
C ILE A 38 -7.33 9.96 26.70
N LYS A 39 -7.34 10.57 27.88
CA LYS A 39 -6.34 10.29 28.91
C LYS A 39 -6.60 8.97 29.64
N ASP A 45 -0.75 6.24 29.49
CA ASP A 45 -0.64 7.69 29.47
C ASP A 45 -1.85 8.33 28.81
N CYS A 46 -1.85 8.40 27.47
CA CYS A 46 -3.03 8.88 26.74
C CYS A 46 -3.11 8.26 25.35
N SER A 47 -4.31 8.25 24.80
CA SER A 47 -4.55 7.75 23.45
C SER A 47 -5.47 8.70 22.70
N LEU A 48 -5.41 8.65 21.37
CA LEU A 48 -6.20 9.55 20.54
C LEU A 48 -7.45 8.86 20.02
N GLY A 49 -8.60 9.51 20.23
CA GLY A 49 -9.87 9.01 19.73
C GLY A 49 -10.33 9.84 18.57
N VAL A 50 -10.90 9.19 17.56
CA VAL A 50 -11.37 9.88 16.36
C VAL A 50 -12.73 10.51 16.65
N ILE A 51 -12.86 11.79 16.29
CA ILE A 51 -14.06 12.55 16.58
C ILE A 51 -14.51 13.37 15.37
N GLN A 52 -15.78 13.77 15.41
CA GLN A 52 -16.30 14.80 14.52
C GLN A 52 -16.44 16.09 15.32
N HIS A 53 -16.19 17.24 14.68
CA HIS A 53 -16.26 18.51 15.38
C HIS A 53 -16.59 19.67 14.45
N GLU A 54 -17.59 20.46 14.83
CA GLU A 54 -17.95 21.67 14.09
C GLU A 54 -16.77 22.64 14.00
N SER A 55 -16.79 23.48 12.97
CA SER A 55 -15.78 24.52 12.78
C SER A 55 -14.37 23.94 12.61
N TYR A 56 -14.31 22.67 12.21
CA TYR A 56 -13.04 22.04 11.81
C TYR A 56 -13.21 21.42 10.44
N THR A 57 -12.31 21.73 9.53
CA THR A 57 -12.29 21.08 8.22
C THR A 57 -11.96 19.60 8.39
N GLY A 58 -11.05 19.32 9.33
CA GLY A 58 -10.66 17.94 9.61
C GLY A 58 -9.35 17.58 8.95
N TRP A 59 -8.88 16.36 9.20
CA TRP A 59 -7.62 15.88 8.66
C TRP A 59 -7.89 14.80 7.60
N PRO A 60 -7.20 14.89 6.44
CA PRO A 60 -7.41 13.90 5.37
C PRO A 60 -7.10 12.47 5.81
N VAL A 61 -7.73 11.51 5.14
CA VAL A 61 -7.54 10.09 5.47
C VAL A 61 -6.98 9.33 4.26
N THR A 62 -5.91 8.58 4.50
CA THR A 62 -5.32 7.72 3.48
C THR A 62 -5.99 6.34 3.51
N ILE A 63 -6.43 5.88 2.36
CA ILE A 63 -7.27 4.68 2.25
C ILE A 63 -6.59 3.64 1.38
N SER A 64 -6.34 2.46 1.95
CA SER A 64 -5.60 1.40 1.24
C SER A 64 -6.25 0.03 1.37
N ALA A 65 -6.37 -0.65 0.23
CA ALA A 65 -6.92 -2.00 0.19
C ALA A 65 -5.81 -3.01 0.44
N LEU A 66 -6.20 -4.26 0.66
CA LEU A 66 -5.23 -5.33 0.88
C LEU A 66 -4.74 -5.91 -0.45
N VAL A 67 -5.43 -5.57 -1.53
CA VAL A 67 -4.97 -5.85 -2.88
C VAL A 67 -4.53 -4.54 -3.53
N ARG A 68 -3.94 -4.63 -4.72
CA ARG A 68 -3.30 -3.47 -5.33
C ARG A 68 -3.91 -2.99 -6.65
N PRO A 69 -5.25 -3.02 -6.78
CA PRO A 69 -5.81 -2.38 -7.97
C PRO A 69 -5.75 -0.86 -7.83
N THR A 70 -5.96 -0.14 -8.92
CA THR A 70 -5.87 1.31 -8.89
C THR A 70 -7.03 1.94 -8.13
N PHE A 71 -8.19 1.28 -8.15
CA PHE A 71 -9.43 1.87 -7.64
C PHE A 71 -10.10 1.02 -6.56
N ILE A 72 -10.79 1.70 -5.64
CA ILE A 72 -11.41 1.05 -4.48
C ILE A 72 -12.84 0.60 -4.75
N SER A 73 -13.12 -0.63 -4.37
CA SER A 73 -14.44 -1.22 -4.46
C SER A 73 -15.08 -1.31 -3.07
N THR A 74 -16.41 -1.27 -3.02
CA THR A 74 -17.13 -1.40 -1.75
C THR A 74 -16.93 -2.77 -1.13
N SER A 75 -16.47 -3.73 -1.91
CA SER A 75 -16.27 -5.09 -1.42
C SER A 75 -14.89 -5.30 -0.80
N PHE A 76 -14.02 -4.29 -0.87
CA PHE A 76 -12.64 -4.41 -0.38
C PHE A 76 -12.51 -4.06 1.10
N GLN A 77 -11.81 -4.92 1.83
CA GLN A 77 -11.36 -4.59 3.18
C GLN A 77 -10.29 -3.52 3.09
N LEU A 78 -10.36 -2.52 3.97
CA LEU A 78 -9.51 -1.34 3.89
C LEU A 78 -8.81 -0.98 5.20
N LEU A 79 -7.60 -0.45 5.08
CA LEU A 79 -6.88 0.15 6.19
C LEU A 79 -6.98 1.66 6.07
N LEU A 80 -7.33 2.33 7.16
CA LEU A 80 -7.49 3.78 7.17
C LEU A 80 -6.51 4.42 8.13
N SER A 81 -5.90 5.53 7.69
CA SER A 81 -4.97 6.29 8.51
C SER A 81 -5.10 7.77 8.22
N PHE A 82 -4.95 8.60 9.25
CA PHE A 82 -4.91 10.05 9.05
C PHE A 82 -3.64 10.40 8.27
N ALA A 83 -3.81 11.25 7.26
CA ALA A 83 -2.67 11.74 6.47
C ALA A 83 -1.89 12.79 7.25
N TYR A 84 -2.51 13.26 8.34
CA TYR A 84 -1.86 14.20 9.24
C TYR A 84 -2.36 14.00 10.67
N ILE A 85 -1.43 14.02 11.62
CA ILE A 85 -1.76 14.20 13.03
C ILE A 85 -0.76 15.20 13.61
N PRO A 86 -1.15 15.94 14.64
CA PRO A 86 -0.20 16.89 15.22
C PRO A 86 0.82 16.19 16.11
N PRO A 87 1.97 16.84 16.35
CA PRO A 87 2.88 16.28 17.35
C PRO A 87 2.14 16.15 18.69
N ASN A 88 2.31 15.03 19.38
CA ASN A 88 1.58 14.79 20.61
C ASN A 88 2.30 13.75 21.47
N VAL A 89 1.91 13.66 22.73
CA VAL A 89 2.55 12.73 23.67
C VAL A 89 1.79 11.41 23.78
N CYS A 90 0.74 11.24 22.99
CA CYS A 90 -0.08 10.03 23.07
C CYS A 90 0.43 8.93 22.13
N THR A 91 0.66 9.26 20.87
CA THR A 91 1.07 8.25 19.90
C THR A 91 1.77 8.84 18.68
N LYS A 92 2.59 8.01 18.04
CA LYS A 92 3.28 8.37 16.81
C LYS A 92 2.47 7.95 15.59
N ASN A 93 1.54 7.02 15.80
CA ASN A 93 0.82 6.40 14.70
C ASN A 93 -0.53 7.05 14.45
N SER A 94 -1.06 6.84 13.24
CA SER A 94 -2.29 7.50 12.80
C SER A 94 -3.30 6.50 12.22
N ASP A 95 -3.03 5.22 12.39
CA ASP A 95 -3.92 4.17 11.89
C ASP A 95 -5.20 4.10 12.70
N TRP A 96 -6.33 4.02 12.01
CA TRP A 96 -7.61 3.85 12.67
C TRP A 96 -7.77 2.43 13.17
N ILE A 97 -8.14 2.31 14.44
CA ILE A 97 -8.32 1.00 15.07
C ILE A 97 -9.55 1.05 15.98
N ILE A 98 -10.22 -0.10 16.10
CA ILE A 98 -11.39 -0.24 16.95
C ILE A 98 -10.99 -0.75 18.31
N LYS A 99 -11.49 -0.12 19.36
CA LYS A 99 -11.26 -0.57 20.72
C LYS A 99 -12.56 -0.59 21.51
N SER A 100 -12.61 -1.43 22.53
CA SER A 100 -13.81 -1.58 23.35
C SER A 100 -14.09 -0.34 24.19
N SER A 101 -15.30 -0.27 24.73
CA SER A 101 -15.72 0.87 25.54
C SER A 101 -16.79 0.45 26.55
N ASN A 102 -16.84 1.16 27.68
CA ASN A 102 -17.86 0.91 28.67
C ASN A 102 -19.16 1.63 28.33
N ASP A 103 -19.15 2.37 27.22
CA ASP A 103 -20.28 3.22 26.83
C ASP A 103 -20.85 2.82 25.46
N PHE A 104 -20.03 2.19 24.63
CA PHE A 104 -20.44 1.78 23.30
C PHE A 104 -19.92 0.37 22.98
N GLU A 105 -20.38 -0.20 21.88
CA GLU A 105 -19.85 -1.46 21.41
C GLU A 105 -18.36 -1.30 21.09
N GLY A 106 -17.99 -0.10 20.65
CA GLY A 106 -16.62 0.22 20.32
C GLY A 106 -16.48 1.65 19.86
N THR A 107 -15.26 2.16 19.82
CA THR A 107 -15.00 3.49 19.26
C THR A 107 -13.77 3.44 18.36
N VAL A 108 -13.67 4.40 17.45
CA VAL A 108 -12.53 4.49 16.56
C VAL A 108 -11.42 5.27 17.26
N LEU A 110 -6.86 5.81 17.47
CA LEU A 110 -5.63 5.70 16.72
C LEU A 110 -4.71 4.71 17.43
N GLY A 111 -3.98 3.91 16.67
CA GLY A 111 -3.10 2.92 17.24
C GLY A 111 -2.02 3.55 18.11
N ASP A 112 -1.66 2.89 19.19
CA ASP A 112 -0.59 3.37 20.06
C ASP A 112 0.75 3.04 19.42
N ASP A 113 1.84 3.33 20.13
CA ASP A 113 3.19 3.21 19.57
C ASP A 113 3.57 1.79 19.14
N LYS A 114 2.76 0.81 19.53
CA LYS A 114 3.08 -0.60 19.26
C LYS A 114 2.09 -1.27 18.32
N ASN A 115 1.06 -0.53 17.89
CA ASN A 115 0.04 -1.08 17.00
C ASN A 115 -0.19 -0.18 15.78
N PRO A 116 0.79 -0.14 14.87
CA PRO A 116 0.77 0.72 13.68
C PRO A 116 -0.14 0.24 12.56
N VAL A 117 -0.59 -1.01 12.64
CA VAL A 117 -1.54 -1.55 11.67
C VAL A 117 -2.94 -1.56 12.28
N GLY A 118 -3.86 -0.90 11.61
CA GLY A 118 -5.18 -0.67 12.17
C GLY A 118 -6.19 -1.75 11.85
N SER A 119 -7.45 -1.47 12.14
CA SER A 119 -8.55 -2.38 11.87
C SER A 119 -8.98 -2.29 10.42
N LEU A 120 -9.71 -3.31 9.98
CA LEU A 120 -10.21 -3.35 8.61
C LEU A 120 -11.61 -2.74 8.53
N PHE A 121 -11.78 -1.84 7.58
CA PHE A 121 -13.06 -1.17 7.33
C PHE A 121 -13.56 -1.52 5.94
N PHE A 122 -14.86 -1.34 5.70
CA PHE A 122 -15.42 -1.34 4.36
C PHE A 122 -16.04 0.02 4.13
N ILE A 123 -15.97 0.50 2.88
CA ILE A 123 -16.79 1.62 2.43
C ILE A 123 -18.02 1.04 1.74
N LYS A 124 -19.21 1.32 2.28
CA LYS A 124 -20.45 0.81 1.72
C LYS A 124 -21.32 1.95 1.21
N SER A 125 -22.13 1.67 0.20
CA SER A 125 -23.04 2.67 -0.33
C SER A 125 -24.12 3.02 0.69
N TYR A 126 -24.43 4.30 0.79
CA TYR A 126 -25.55 4.76 1.62
C TYR A 126 -26.66 5.29 0.72
N ASP A 127 -26.27 6.13 -0.24
CA ASP A 127 -27.19 6.67 -1.23
C ASP A 127 -26.53 6.65 -2.60
N SER A 128 -26.93 5.68 -3.42
CA SER A 128 -26.35 5.51 -4.75
C SER A 128 -26.62 6.71 -5.65
N SER A 129 -27.76 7.36 -5.44
CA SER A 129 -28.16 8.49 -6.27
C SER A 129 -27.23 9.69 -6.08
N LYS A 130 -26.85 9.94 -4.82
CA LYS A 130 -26.02 11.09 -4.49
C LYS A 130 -24.58 10.72 -4.22
N ASN A 131 -24.23 9.45 -4.45
CA ASN A 131 -22.90 8.94 -4.11
C ASN A 131 -22.52 9.26 -2.67
N TYR A 132 -23.42 8.92 -1.75
CA TYR A 132 -23.14 9.01 -0.33
C TYR A 132 -22.71 7.61 0.16
N TYR A 133 -21.76 7.59 1.08
CA TYR A 133 -21.24 6.33 1.59
C TYR A 133 -21.25 6.30 3.12
N LYS A 134 -20.96 5.13 3.66
CA LYS A 134 -20.79 4.95 5.09
C LYS A 134 -19.63 3.99 5.30
N LEU A 135 -19.08 4.00 6.52
CA LEU A 135 -18.06 3.03 6.90
C LEU A 135 -18.70 1.93 7.74
N VAL A 136 -18.28 0.69 7.51
CA VAL A 136 -18.70 -0.41 8.36
C VAL A 136 -17.51 -1.27 8.75
N VAL A 137 -17.62 -1.89 9.92
CA VAL A 137 -16.62 -2.84 10.37
C VAL A 137 -17.27 -4.19 10.62
N CYS A 138 -16.56 -5.24 10.25
CA CYS A 138 -17.05 -6.60 10.40
C CYS A 138 -16.01 -7.43 11.16
N GLY A 139 -16.41 -8.62 11.58
CA GLY A 139 -15.53 -9.50 12.33
C GLY A 139 -15.60 -10.92 11.80
N GLY A 140 -15.14 -11.86 12.63
CA GLY A 140 -15.14 -13.27 12.26
C GLY A 140 -14.25 -13.54 11.07
N ARG A 141 -14.87 -13.95 9.96
CA ARG A 141 -14.14 -14.32 8.75
C ARG A 141 -13.84 -13.13 7.86
N GLY A 142 -14.49 -11.99 8.15
CA GLY A 142 -14.23 -10.77 7.41
C GLY A 142 -15.47 -9.95 7.08
N ASP A 143 -16.62 -10.62 6.99
CA ASP A 143 -17.88 -9.95 6.64
C ASP A 143 -19.03 -10.42 7.52
N GLU A 144 -18.71 -10.74 8.78
CA GLU A 144 -19.71 -11.21 9.72
C GLU A 144 -19.96 -10.19 10.83
N HIS A 145 -21.19 -10.19 11.35
CA HIS A 145 -21.61 -9.28 12.42
C HIS A 145 -21.18 -7.85 12.13
N CYS A 146 -21.56 -7.37 10.96
CA CYS A 146 -21.15 -6.05 10.50
C CYS A 146 -21.85 -4.95 11.29
N ARG A 147 -21.13 -3.86 11.52
CA ARG A 147 -21.64 -2.72 12.27
C ARG A 147 -21.33 -1.44 11.52
N ASN A 148 -22.20 -0.44 11.67
CA ASN A 148 -21.94 0.88 11.13
C ASN A 148 -20.96 1.65 11.99
N ILE A 149 -20.25 2.58 11.38
CA ILE A 149 -19.56 3.63 12.12
C ILE A 149 -20.49 4.83 12.18
N GLY A 150 -20.88 5.20 13.40
CA GLY A 150 -21.74 6.35 13.61
C GLY A 150 -21.02 7.36 14.47
N VAL A 151 -21.76 8.38 14.91
CA VAL A 151 -21.21 9.40 15.78
C VAL A 151 -22.09 9.51 17.02
N ASP A 152 -21.47 9.62 18.18
CA ASP A 152 -22.20 9.74 19.44
C ASP A 152 -21.34 10.42 20.50
N LYS A 153 -22.01 11.14 21.41
CA LYS A 153 -21.33 11.94 22.43
C LYS A 153 -20.91 11.12 23.63
N ASP A 154 -19.66 11.28 24.07
CA ASP A 154 -19.21 10.65 25.31
C ASP A 154 -19.45 11.60 26.49
N GLU A 155 -19.04 11.19 27.68
CA GLU A 155 -19.32 11.94 28.90
C GLU A 155 -18.70 13.34 28.88
N ASN A 156 -17.66 13.51 28.07
CA ASN A 156 -16.90 14.76 28.04
C ASN A 156 -17.23 15.66 26.86
N GLY A 157 -18.28 15.33 26.13
CA GLY A 157 -18.78 16.21 25.07
C GLY A 157 -18.22 15.97 23.68
N TYR A 158 -17.22 15.09 23.55
CA TYR A 158 -16.65 14.77 22.25
C TYR A 158 -17.61 13.93 21.42
N LYS A 159 -17.78 14.31 20.15
CA LYS A 159 -18.60 13.53 19.24
C LYS A 159 -17.75 12.40 18.65
N ARG A 160 -17.75 11.26 19.35
CA ARG A 160 -16.88 10.14 19.02
C ARG A 160 -17.42 9.33 17.83
N LEU A 161 -16.51 8.85 16.98
CA LEU A 161 -16.89 7.87 15.96
C LEU A 161 -16.98 6.51 16.63
N VAL A 162 -18.17 5.90 16.56
CA VAL A 162 -18.47 4.70 17.34
C VAL A 162 -18.94 3.55 16.47
N VAL A 163 -18.76 2.34 16.98
CA VAL A 163 -19.32 1.14 16.36
C VAL A 163 -20.77 1.02 16.83
N THR A 164 -21.69 0.86 15.89
CA THR A 164 -23.11 0.85 16.25
C THR A 164 -23.99 0.19 15.19
N GLU A 165 -25.15 -0.28 15.62
CA GLU A 165 -26.17 -0.77 14.71
C GLU A 165 -27.12 0.36 14.32
N GLY A 166 -26.97 1.50 15.00
CA GLY A 166 -27.77 2.68 14.71
C GLY A 166 -27.37 3.36 13.42
N GLU A 167 -27.88 4.57 13.22
CA GLU A 167 -27.66 5.29 11.97
C GLU A 167 -26.19 5.65 11.77
N PRO A 168 -25.69 5.49 10.53
CA PRO A 168 -24.26 5.69 10.31
C PRO A 168 -23.89 7.14 10.12
N LEU A 169 -22.59 7.42 10.20
CA LEU A 169 -22.03 8.68 9.75
C LEU A 169 -22.00 8.68 8.23
N VAL A 170 -22.81 9.54 7.61
CA VAL A 170 -22.86 9.60 6.15
C VAL A 170 -21.69 10.43 5.64
N LEU A 171 -21.07 9.96 4.56
CA LEU A 171 -19.83 10.54 4.07
C LEU A 171 -19.76 10.70 2.56
N GLN A 172 -19.02 11.73 2.14
CA GLN A 172 -18.47 11.82 0.80
C GLN A 172 -16.96 11.92 0.96
N PHE A 173 -16.24 11.61 -0.11
CA PHE A 173 -14.77 11.69 -0.09
C PHE A 173 -14.32 12.79 -1.04
N ASP A 174 -13.79 13.87 -0.47
CA ASP A 174 -13.34 15.01 -1.26
C ASP A 174 -11.84 14.94 -1.54
N LYS A 175 -11.47 15.24 -2.78
CA LYS A 175 -10.07 15.50 -3.11
C LYS A 175 -9.57 16.58 -2.16
N VAL A 176 -8.31 16.50 -1.78
CA VAL A 176 -7.78 17.38 -0.74
C VAL A 176 -7.65 18.81 -1.25
N ASN A 177 -8.35 19.72 -0.58
CA ASN A 177 -8.15 21.15 -0.79
C ASN A 177 -6.98 21.59 0.09
N LYS A 178 -5.91 22.04 -0.56
CA LYS A 178 -4.66 22.29 0.13
C LYS A 178 -4.73 23.57 0.97
N GLY A 179 -5.72 24.40 0.69
CA GLY A 179 -5.98 25.59 1.49
C GLY A 179 -6.69 25.25 2.79
N ASN A 180 -7.93 24.80 2.67
CA ASN A 180 -8.76 24.45 3.83
C ASN A 180 -8.05 23.54 4.83
N PHE A 181 -7.19 22.68 4.31
CA PHE A 181 -6.47 21.72 5.14
C PHE A 181 -5.36 22.41 5.95
N ALA A 182 -4.45 23.07 5.25
CA ALA A 182 -3.22 23.56 5.86
C ALA A 182 -3.41 24.72 6.84
N PHE A 183 -4.64 25.19 7.01
CA PHE A 183 -4.90 26.28 7.96
C PHE A 183 -4.45 25.88 9.36
N GLU A 184 -3.60 26.71 9.96
CA GLU A 184 -2.89 26.36 11.19
C GLU A 184 -3.81 25.99 12.35
N SER A 185 -4.95 26.68 12.47
CA SER A 185 -5.90 26.40 13.54
C SER A 185 -6.57 25.04 13.35
N ASN A 186 -6.68 24.61 12.10
CA ASN A 186 -7.26 23.30 11.80
C ASN A 186 -6.30 22.17 12.17
N LEU A 187 -5.01 22.48 12.17
CA LEU A 187 -3.97 21.45 12.36
C LEU A 187 -3.64 21.19 13.83
N SER A 188 -4.26 21.92 14.74
CA SER A 188 -4.01 21.71 16.17
C SER A 188 -4.98 20.70 16.75
N VAL A 190 -7.70 18.94 19.07
CA VAL A 190 -8.91 19.41 19.73
C VAL A 190 -8.78 19.20 21.23
N VAL A 191 -8.96 20.28 21.99
CA VAL A 191 -8.85 20.25 23.45
C VAL A 191 -10.16 20.67 24.09
N GLY B 1 29.19 -2.66 8.97
CA GLY B 1 28.07 -2.58 8.06
C GLY B 1 27.48 -1.18 8.00
N ALA B 2 26.56 -0.98 7.07
CA ALA B 2 25.88 0.31 6.92
C ALA B 2 24.92 0.56 8.06
N SER B 3 25.23 1.55 8.90
CA SER B 3 24.45 1.81 10.11
C SER B 3 23.36 2.86 9.92
N GLY B 4 23.22 3.37 8.71
CA GLY B 4 22.24 4.41 8.44
C GLY B 4 21.00 3.91 7.71
N SER B 5 19.90 4.63 7.88
CA SER B 5 18.70 4.37 7.10
C SER B 5 18.99 4.63 5.63
N ILE B 7 17.78 3.60 1.25
CA ILE B 7 16.80 3.08 0.32
C ILE B 7 17.32 1.78 -0.26
N VAL B 8 16.43 0.80 -0.34
CA VAL B 8 16.78 -0.50 -0.88
C VAL B 8 16.88 -0.44 -2.39
N PHE B 9 17.87 -1.13 -2.95
CA PHE B 9 18.04 -1.22 -4.40
C PHE B 9 17.57 -2.57 -4.89
N ASP B 10 16.97 -2.59 -6.08
CA ASP B 10 16.72 -3.86 -6.76
C ASP B 10 18.01 -4.25 -7.48
N SER B 11 18.01 -5.42 -8.11
CA SER B 11 19.21 -5.97 -8.73
C SER B 11 19.74 -5.15 -9.89
N ASP B 12 18.91 -4.22 -10.41
CA ASP B 12 19.31 -3.36 -11.52
C ASP B 12 19.93 -2.05 -11.02
N GLY B 13 19.91 -1.84 -9.71
CA GLY B 13 20.42 -0.61 -9.14
C GLY B 13 19.38 0.49 -9.08
N ASP B 14 18.10 0.12 -9.25
CA ASP B 14 17.01 1.08 -9.11
C ASP B 14 16.41 0.99 -7.71
N PHE B 15 15.86 2.11 -7.23
CA PHE B 15 15.22 2.14 -5.93
C PHE B 15 14.04 1.17 -5.88
N LEU B 16 13.93 0.45 -4.78
CA LEU B 16 12.83 -0.48 -4.58
C LEU B 16 11.53 0.30 -4.35
N ARG B 17 10.50 -0.01 -5.13
CA ARG B 17 9.27 0.77 -5.09
C ARG B 17 8.28 0.26 -4.04
N ASN B 18 7.77 1.19 -3.25
CA ASN B 18 6.75 0.91 -2.26
C ASN B 18 5.48 0.41 -2.92
N GLY B 19 4.96 -0.72 -2.46
CA GLY B 19 3.80 -1.33 -3.07
C GLY B 19 4.12 -2.08 -4.35
N GLY B 20 5.40 -2.08 -4.72
CA GLY B 20 5.84 -2.80 -5.92
C GLY B 20 6.00 -4.29 -5.63
N THR B 21 6.14 -5.06 -6.69
CA THR B 21 6.24 -6.51 -6.60
C THR B 21 7.59 -6.98 -7.14
N TYR B 22 8.30 -7.79 -6.35
CA TYR B 22 9.64 -8.22 -6.70
C TYR B 22 9.89 -9.69 -6.45
N LEU B 24 12.14 -12.49 -5.08
CA LEU B 24 13.22 -12.76 -4.14
C LEU B 24 14.25 -13.67 -4.80
N SER B 25 15.48 -13.17 -4.92
CA SER B 25 16.53 -13.87 -5.65
C SER B 25 17.77 -14.03 -4.79
N PRO B 26 17.89 -15.18 -4.10
CA PRO B 26 19.08 -15.43 -3.26
C PRO B 26 20.36 -15.56 -4.10
N PRO B 27 21.33 -14.64 -3.90
CA PRO B 27 22.54 -14.70 -4.72
C PRO B 27 23.38 -15.96 -4.46
N ASN B 28 23.21 -16.57 -3.30
CA ASN B 28 23.98 -17.76 -2.94
C ASN B 28 23.28 -19.06 -3.37
N GLY B 29 22.32 -18.92 -4.28
CA GLY B 29 21.61 -20.08 -4.81
C GLY B 29 20.66 -20.70 -3.80
N GLY B 30 20.15 -21.88 -4.14
CA GLY B 30 19.19 -22.58 -3.31
C GLY B 30 17.81 -22.63 -3.94
N GLY B 31 17.57 -21.74 -4.91
CA GLY B 31 16.32 -21.72 -5.65
C GLY B 31 15.44 -20.55 -5.28
N GLY B 32 14.24 -20.51 -5.86
CA GLY B 32 13.29 -19.43 -5.63
C GLY B 32 12.44 -19.65 -4.40
N ILE B 33 11.61 -18.65 -4.10
CA ILE B 33 10.76 -18.66 -2.91
C ILE B 33 9.30 -18.90 -3.29
N LEU B 34 8.66 -19.82 -2.59
CA LEU B 34 7.25 -20.13 -2.80
C LEU B 34 6.69 -20.72 -1.50
N ALA B 35 5.69 -21.60 -1.60
CA ALA B 35 5.08 -22.19 -0.41
C ALA B 35 4.70 -23.65 -0.62
N ALA B 36 4.52 -24.36 0.49
CA ALA B 36 4.07 -25.75 0.48
C ALA B 36 3.10 -26.01 1.62
N ALA B 37 2.23 -27.00 1.45
CA ALA B 37 1.22 -27.34 2.45
C ALA B 37 1.86 -28.00 3.67
N ILE B 38 1.60 -27.42 4.84
CA ILE B 38 2.11 -27.94 6.11
C ILE B 38 0.95 -28.31 7.02
N LYS B 39 1.01 -29.48 7.63
CA LYS B 39 -0.07 -29.96 8.50
C LYS B 39 0.48 -30.85 9.61
N GLN B 40 0.09 -30.55 10.85
CA GLN B 40 0.64 -31.26 12.01
C GLN B 40 -0.48 -31.81 12.92
N GLY B 41 -0.07 -32.42 14.02
CA GLY B 41 -0.96 -33.21 14.86
C GLY B 41 -2.15 -32.47 15.45
N SER B 42 -2.00 -31.18 15.71
CA SER B 42 -3.08 -30.40 16.31
C SER B 42 -4.05 -29.83 15.28
N ASP B 43 -3.70 -29.97 14.01
CA ASP B 43 -4.36 -29.20 12.95
C ASP B 43 -5.34 -30.04 12.11
N ARG B 44 -6.57 -29.54 11.99
CA ARG B 44 -7.55 -30.16 11.10
C ARG B 44 -7.26 -29.81 9.65
N ASP B 45 -6.79 -28.59 9.43
CA ASP B 45 -6.52 -28.10 8.08
C ASP B 45 -5.05 -27.73 7.90
N CYS B 46 -4.56 -27.87 6.68
CA CYS B 46 -3.19 -27.51 6.36
C CYS B 46 -3.02 -26.00 6.32
N SER B 47 -1.79 -25.55 6.53
CA SER B 47 -1.40 -24.17 6.31
C SER B 47 -0.28 -24.15 5.27
N LEU B 48 -0.15 -23.05 4.55
CA LEU B 48 0.94 -22.89 3.61
C LEU B 48 2.15 -22.28 4.32
N GLY B 49 3.28 -22.99 4.27
CA GLY B 49 4.52 -22.50 4.82
C GLY B 49 5.41 -22.02 3.69
N VAL B 50 6.09 -20.90 3.90
CA VAL B 50 6.96 -20.34 2.88
C VAL B 50 8.24 -21.18 2.83
N ILE B 51 8.69 -21.49 1.62
CA ILE B 51 9.87 -22.34 1.44
C ILE B 51 10.77 -21.84 0.33
N GLN B 52 12.00 -22.33 0.34
CA GLN B 52 12.91 -22.16 -0.79
C GLN B 52 13.05 -23.50 -1.50
N HIS B 53 13.07 -23.49 -2.82
CA HIS B 53 13.18 -24.75 -3.57
C HIS B 53 13.88 -24.58 -4.90
N GLU B 54 14.79 -25.51 -5.19
CA GLU B 54 15.51 -25.54 -6.45
C GLU B 54 14.57 -25.71 -7.63
N SER B 55 15.01 -25.26 -8.80
CA SER B 55 14.28 -25.42 -10.05
C SER B 55 12.95 -24.65 -10.03
N TYR B 56 12.88 -23.63 -9.19
CA TYR B 56 11.75 -22.71 -9.16
C TYR B 56 12.25 -21.28 -9.25
N THR B 57 11.74 -20.53 -10.23
CA THR B 57 11.97 -19.10 -10.27
C THR B 57 11.34 -18.49 -9.02
N GLY B 58 10.18 -19.01 -8.65
CA GLY B 58 9.50 -18.61 -7.43
C GLY B 58 8.32 -17.69 -7.70
N TRP B 59 7.65 -17.31 -6.62
CA TRP B 59 6.51 -16.42 -6.69
C TRP B 59 6.93 -15.06 -6.12
N PRO B 60 6.71 -13.99 -6.89
CA PRO B 60 7.22 -12.70 -6.41
C PRO B 60 6.40 -12.15 -5.23
N VAL B 61 6.96 -11.18 -4.53
CA VAL B 61 6.36 -10.65 -3.30
C VAL B 61 6.03 -9.17 -3.45
N THR B 62 4.80 -8.83 -3.09
CA THR B 62 4.37 -7.44 -3.06
C THR B 62 4.77 -6.83 -1.72
N ILE B 63 5.51 -5.73 -1.77
CA ILE B 63 6.13 -5.15 -0.58
C ILE B 63 5.55 -3.76 -0.31
N SER B 64 4.92 -3.61 0.85
CA SER B 64 4.25 -2.35 1.21
C SER B 64 4.65 -1.87 2.59
N ALA B 65 5.04 -0.59 2.65
CA ALA B 65 5.34 0.06 3.92
C ALA B 65 4.05 0.59 4.53
N LEU B 66 4.12 1.06 5.77
CA LEU B 66 2.95 1.61 6.45
C LEU B 66 2.83 3.11 6.20
N VAL B 67 3.90 3.70 5.66
CA VAL B 67 3.84 5.04 5.10
C VAL B 67 3.77 4.91 3.59
N ARG B 68 3.51 6.01 2.90
CA ARG B 68 3.22 5.95 1.47
C ARG B 68 4.22 6.70 0.57
N PRO B 69 5.52 6.69 0.92
CA PRO B 69 6.45 7.27 -0.04
C PRO B 69 6.63 6.33 -1.24
N THR B 70 7.29 6.80 -2.28
CA THR B 70 7.47 6.02 -3.49
C THR B 70 8.46 4.86 -3.31
N PHE B 71 9.49 5.05 -2.46
CA PHE B 71 10.56 4.06 -2.33
C PHE B 71 10.70 3.49 -0.92
N ILE B 72 11.21 2.27 -0.84
CA ILE B 72 11.33 1.54 0.41
C ILE B 72 12.67 1.78 1.10
N SER B 73 12.60 2.20 2.36
CA SER B 73 13.78 2.38 3.20
C SER B 73 13.97 1.18 4.13
N THR B 74 15.21 0.95 4.56
CA THR B 74 15.51 -0.11 5.52
C THR B 74 14.91 0.17 6.89
N SER B 75 14.43 1.40 7.11
CA SER B 75 13.88 1.80 8.39
C SER B 75 12.38 1.56 8.48
N PHE B 76 11.77 1.14 7.37
CA PHE B 76 10.31 1.00 7.29
C PHE B 76 9.83 -0.38 7.72
N GLN B 77 8.78 -0.40 8.51
CA GLN B 77 8.05 -1.64 8.77
C GLN B 77 7.30 -2.01 7.50
N LEU B 78 7.36 -3.29 7.13
CA LEU B 78 6.80 -3.75 5.85
C LEU B 78 5.82 -4.89 5.99
N LEU B 79 4.77 -4.84 5.18
CA LEU B 79 3.86 -5.97 5.00
C LEU B 79 4.22 -6.68 3.71
N LEU B 80 4.36 -8.01 3.78
CA LEU B 80 4.75 -8.82 2.62
C LEU B 80 3.67 -9.84 2.28
N SER B 81 3.39 -9.98 0.99
CA SER B 81 2.44 -10.97 0.52
C SER B 81 2.81 -11.45 -0.88
N PHE B 82 2.62 -12.75 -1.15
CA PHE B 82 2.87 -13.30 -2.48
C PHE B 82 1.94 -12.64 -3.50
N ALA B 83 2.48 -12.29 -4.65
CA ALA B 83 1.68 -11.74 -5.74
C ALA B 83 0.93 -12.85 -6.47
N TYR B 84 1.35 -14.09 -6.22
CA TYR B 84 0.67 -15.26 -6.74
C TYR B 84 0.73 -16.42 -5.76
N ILE B 85 -0.41 -17.09 -5.61
CA ILE B 85 -0.45 -18.42 -5.02
C ILE B 85 -1.40 -19.26 -5.87
N PRO B 86 -1.18 -20.58 -5.92
CA PRO B 86 -2.13 -21.42 -6.66
C PRO B 86 -3.40 -21.66 -5.85
N PRO B 87 -4.51 -22.02 -6.51
CA PRO B 87 -5.69 -22.39 -5.72
C PRO B 87 -5.34 -23.60 -4.86
N ASN B 88 -5.85 -23.64 -3.63
CA ASN B 88 -5.47 -24.69 -2.70
C ASN B 88 -6.48 -24.83 -1.57
N VAL B 89 -6.34 -25.89 -0.79
CA VAL B 89 -7.29 -26.19 0.28
C VAL B 89 -6.85 -25.63 1.63
N CYS B 90 -5.70 -24.97 1.67
CA CYS B 90 -5.16 -24.45 2.92
C CYS B 90 -5.66 -23.04 3.20
N THR B 91 -5.52 -22.14 2.23
CA THR B 91 -5.86 -20.73 2.43
C THR B 91 -6.12 -19.98 1.14
N LYS B 92 -6.88 -18.90 1.24
CA LYS B 92 -7.14 -18.01 0.12
C LYS B 92 -6.25 -16.75 0.21
N ASN B 93 -5.57 -16.58 1.33
CA ASN B 93 -4.73 -15.40 1.55
C ASN B 93 -3.26 -15.68 1.26
N SER B 94 -2.50 -14.61 0.98
CA SER B 94 -1.09 -14.75 0.61
C SER B 94 -0.16 -13.90 1.46
N ASP B 95 -0.69 -13.30 2.52
CA ASP B 95 0.12 -12.46 3.41
C ASP B 95 1.08 -13.31 4.25
N TRP B 96 2.35 -12.90 4.25
CA TRP B 96 3.35 -13.54 5.10
C TRP B 96 3.09 -13.24 6.57
N ILE B 97 3.09 -14.29 7.38
CA ILE B 97 2.86 -14.13 8.81
C ILE B 97 3.77 -15.06 9.62
N ILE B 98 4.19 -14.57 10.78
CA ILE B 98 5.05 -15.35 11.67
C ILE B 98 4.20 -16.10 12.69
N LYS B 99 4.45 -17.39 12.83
CA LYS B 99 3.77 -18.20 13.83
C LYS B 99 4.78 -18.82 14.79
N SER B 100 4.35 -19.05 16.02
CA SER B 100 5.20 -19.69 17.02
C SER B 100 5.36 -21.17 16.71
N SER B 101 6.49 -21.73 17.09
CA SER B 101 6.81 -23.12 16.79
C SER B 101 7.61 -23.76 17.92
N ASN B 102 7.60 -25.09 17.96
CA ASN B 102 8.38 -25.85 18.93
C ASN B 102 9.70 -26.35 18.33
N ASP B 103 9.78 -26.36 17.01
CA ASP B 103 10.97 -26.83 16.30
C ASP B 103 11.84 -25.67 15.82
N PHE B 104 11.27 -24.47 15.79
CA PHE B 104 12.00 -23.28 15.37
C PHE B 104 11.65 -22.11 16.29
N GLU B 105 12.46 -21.06 16.24
CA GLU B 105 12.17 -19.84 16.97
C GLU B 105 10.85 -19.25 16.47
N GLY B 106 10.58 -19.49 15.19
CA GLY B 106 9.34 -19.06 14.56
C GLY B 106 9.34 -19.51 13.11
N THR B 107 8.16 -19.57 12.51
CA THR B 107 8.04 -19.99 11.12
C THR B 107 7.37 -18.92 10.29
N VAL B 108 7.75 -18.83 9.02
CA VAL B 108 7.08 -17.94 8.09
C VAL B 108 6.00 -18.71 7.36
N LEU B 110 1.75 -18.45 5.55
CA LEU B 110 0.80 -17.55 4.92
C LEU B 110 -0.46 -17.51 5.77
N GLY B 111 -1.05 -16.31 5.88
CA GLY B 111 -2.23 -16.11 6.71
C GLY B 111 -3.35 -17.03 6.30
N ASP B 112 -4.14 -17.48 7.28
CA ASP B 112 -5.29 -18.31 6.97
C ASP B 112 -6.43 -17.41 6.50
N ASP B 113 -7.59 -18.01 6.25
CA ASP B 113 -8.74 -17.27 5.74
C ASP B 113 -9.18 -16.14 6.67
N LYS B 114 -8.77 -16.21 7.94
CA LYS B 114 -9.18 -15.22 8.94
C LYS B 114 -8.17 -14.10 9.16
N ASN B 115 -6.91 -14.33 8.80
CA ASN B 115 -5.84 -13.36 9.03
C ASN B 115 -5.22 -12.82 7.74
N PRO B 116 -5.93 -11.90 7.06
CA PRO B 116 -5.49 -11.36 5.77
C PRO B 116 -4.36 -10.35 5.88
N VAL B 117 -4.14 -9.82 7.09
CA VAL B 117 -3.03 -8.89 7.34
C VAL B 117 -1.90 -9.62 8.06
N GLY B 118 -0.72 -9.59 7.45
CA GLY B 118 0.40 -10.38 7.93
C GLY B 118 1.26 -9.66 8.96
N SER B 119 2.45 -10.22 9.17
CA SER B 119 3.39 -9.68 10.14
C SER B 119 4.21 -8.56 9.53
N LEU B 120 4.89 -7.80 10.40
CA LEU B 120 5.74 -6.71 9.96
C LEU B 120 7.18 -7.16 9.79
N PHE B 121 7.74 -6.86 8.63
CA PHE B 121 9.13 -7.19 8.29
C PHE B 121 9.95 -5.93 8.07
N PHE B 122 11.27 -6.07 8.20
CA PHE B 122 12.22 -5.06 7.77
C PHE B 122 13.16 -5.66 6.73
N ILE B 123 13.54 -4.87 5.73
CA ILE B 123 14.64 -5.21 4.85
C ILE B 123 15.88 -4.50 5.36
N LYS B 124 16.89 -5.28 5.73
CA LYS B 124 18.14 -4.75 6.25
C LYS B 124 19.29 -5.04 5.30
N SER B 125 20.25 -4.12 5.26
CA SER B 125 21.48 -4.31 4.50
C SER B 125 22.29 -5.46 5.08
N TYR B 126 22.71 -6.38 4.21
CA TYR B 126 23.56 -7.48 4.60
C TYR B 126 24.98 -7.26 4.09
N ASP B 127 25.08 -6.79 2.85
CA ASP B 127 26.36 -6.46 2.23
C ASP B 127 26.19 -5.21 1.37
N SER B 128 26.59 -4.07 1.91
CA SER B 128 26.36 -2.78 1.28
C SER B 128 27.13 -2.62 -0.03
N SER B 129 28.21 -3.38 -0.20
CA SER B 129 29.03 -3.26 -1.40
C SER B 129 28.42 -4.02 -2.56
N LYS B 130 27.70 -5.10 -2.25
CA LYS B 130 27.07 -5.95 -3.27
C LYS B 130 25.57 -5.70 -3.39
N ASN B 131 25.06 -4.75 -2.61
CA ASN B 131 23.61 -4.55 -2.49
C ASN B 131 22.88 -5.87 -2.20
N TYR B 132 23.36 -6.58 -1.19
CA TYR B 132 22.67 -7.75 -0.66
C TYR B 132 21.89 -7.35 0.57
N TYR B 133 20.76 -8.00 0.79
CA TYR B 133 19.89 -7.69 1.92
C TYR B 133 19.45 -8.94 2.65
N LYS B 134 18.81 -8.75 3.79
CA LYS B 134 18.15 -9.82 4.51
C LYS B 134 16.81 -9.32 5.02
N LEU B 135 15.95 -10.26 5.40
CA LEU B 135 14.70 -9.92 6.07
C LEU B 135 14.87 -10.10 7.57
N VAL B 136 14.21 -9.24 8.33
CA VAL B 136 14.27 -9.27 9.78
C VAL B 136 12.87 -9.04 10.33
N VAL B 137 12.60 -9.62 11.50
CA VAL B 137 11.36 -9.34 12.23
C VAL B 137 11.75 -8.93 13.65
N CYS B 138 11.03 -7.95 14.19
CA CYS B 138 11.32 -7.40 15.50
C CYS B 138 10.04 -7.32 16.32
N GLY B 139 10.19 -6.91 17.59
CA GLY B 139 9.07 -6.91 18.53
C GLY B 139 8.58 -5.54 18.93
N GLY B 140 7.53 -5.55 19.75
CA GLY B 140 6.91 -4.37 20.34
C GLY B 140 7.12 -3.01 19.69
N ARG B 141 8.01 -2.22 20.29
CA ARG B 141 8.23 -0.83 19.89
C ARG B 141 8.45 -0.69 18.39
N GLY B 142 9.04 -1.72 17.78
CA GLY B 142 9.26 -1.76 16.35
C GLY B 142 10.60 -2.35 15.97
N ASP B 143 11.63 -2.01 16.75
CA ASP B 143 13.01 -2.40 16.42
C ASP B 143 13.65 -3.20 17.56
N GLU B 144 12.82 -3.86 18.35
CA GLU B 144 13.30 -4.55 19.56
C GLU B 144 13.50 -6.04 19.30
N HIS B 145 14.61 -6.56 19.82
CA HIS B 145 14.91 -7.99 19.74
C HIS B 145 14.72 -8.54 18.34
N CYS B 146 15.44 -7.95 17.40
CA CYS B 146 15.32 -8.31 15.99
C CYS B 146 15.91 -9.70 15.74
N ARG B 147 15.24 -10.46 14.89
CA ARG B 147 15.68 -11.80 14.54
C ARG B 147 15.73 -11.95 13.02
N ASN B 148 16.66 -12.75 12.54
CA ASN B 148 16.80 -12.98 11.10
C ASN B 148 15.71 -13.89 10.55
N ILE B 149 15.40 -13.70 9.28
CA ILE B 149 14.68 -14.72 8.52
C ILE B 149 15.74 -15.57 7.81
N GLY B 150 15.71 -16.87 8.07
CA GLY B 150 16.67 -17.78 7.49
C GLY B 150 15.96 -19.01 6.96
N VAL B 151 16.74 -20.02 6.59
CA VAL B 151 16.20 -21.24 6.02
C VAL B 151 16.64 -22.45 6.83
N ASP B 152 15.72 -23.39 7.04
CA ASP B 152 15.98 -24.59 7.82
C ASP B 152 15.15 -25.77 7.30
N LYS B 153 15.72 -26.97 7.37
CA LYS B 153 15.03 -28.19 6.93
C LYS B 153 14.03 -28.65 7.98
N ASP B 154 12.81 -28.98 7.57
CA ASP B 154 11.84 -29.58 8.47
C ASP B 154 11.80 -31.10 8.27
N GLU B 155 10.96 -31.78 9.06
CA GLU B 155 10.91 -33.24 9.08
C GLU B 155 10.51 -33.86 7.73
N ASN B 156 9.97 -33.04 6.83
CA ASN B 156 9.51 -33.52 5.54
C ASN B 156 10.44 -33.11 4.40
N GLY B 157 11.55 -32.47 4.74
CA GLY B 157 12.58 -32.14 3.77
C GLY B 157 12.40 -30.82 3.07
N TYR B 158 11.47 -29.99 3.57
CA TYR B 158 11.27 -28.66 3.01
C TYR B 158 12.27 -27.67 3.58
N LYS B 159 12.81 -26.80 2.74
CA LYS B 159 13.64 -25.71 3.21
C LYS B 159 12.74 -24.56 3.64
N ARG B 160 12.33 -24.62 4.91
CA ARG B 160 11.36 -23.70 5.46
C ARG B 160 12.00 -22.37 5.80
N LEU B 161 11.34 -21.27 5.46
CA LEU B 161 11.77 -19.96 5.95
C LEU B 161 11.30 -19.84 7.39
N VAL B 162 12.23 -19.51 8.27
CA VAL B 162 11.99 -19.50 9.70
C VAL B 162 12.62 -18.28 10.35
N VAL B 163 12.19 -17.99 11.58
CA VAL B 163 12.86 -16.99 12.40
C VAL B 163 14.07 -17.66 13.06
N THR B 164 15.21 -16.97 13.07
CA THR B 164 16.42 -17.55 13.60
C THR B 164 17.45 -16.49 13.97
N GLU B 165 18.35 -16.86 14.88
CA GLU B 165 19.51 -16.03 15.19
C GLU B 165 20.69 -16.49 14.34
N GLY B 166 20.51 -17.58 13.61
CA GLY B 166 21.54 -18.09 12.73
C GLY B 166 21.67 -17.26 11.47
N GLU B 167 22.46 -17.75 10.52
CA GLU B 167 22.71 -17.03 9.29
C GLU B 167 21.41 -16.78 8.53
N PRO B 168 21.23 -15.56 8.01
CA PRO B 168 19.98 -15.24 7.33
C PRO B 168 19.92 -15.76 5.90
N LEU B 169 18.72 -15.75 5.32
CA LEU B 169 18.55 -15.91 3.89
C LEU B 169 18.97 -14.62 3.20
N VAL B 170 20.11 -14.64 2.53
CA VAL B 170 20.61 -13.45 1.85
C VAL B 170 19.84 -13.25 0.57
N LEU B 171 19.45 -12.00 0.30
CA LEU B 171 18.53 -11.70 -0.80
C LEU B 171 18.95 -10.52 -1.67
N GLN B 172 18.61 -10.64 -2.95
CA GLN B 172 18.49 -9.50 -3.84
C GLN B 172 17.03 -9.46 -4.28
N PHE B 173 16.61 -8.32 -4.83
CA PHE B 173 15.25 -8.16 -5.34
C PHE B 173 15.27 -7.87 -6.83
N ASP B 174 14.72 -8.79 -7.63
CA ASP B 174 14.61 -8.60 -9.07
C ASP B 174 13.26 -8.05 -9.47
N LYS B 175 13.23 -7.15 -10.45
CA LYS B 175 12.00 -6.81 -11.12
C LYS B 175 11.42 -8.11 -11.66
N VAL B 176 10.09 -8.24 -11.65
CA VAL B 176 9.49 -9.51 -12.04
C VAL B 176 9.75 -9.78 -13.51
N ASN B 177 10.41 -10.90 -13.76
CA ASN B 177 10.62 -11.38 -15.11
C ASN B 177 9.35 -12.06 -15.59
N LYS B 178 8.55 -11.34 -16.38
CA LYS B 178 7.22 -11.81 -16.76
C LYS B 178 7.28 -13.16 -17.46
N GLY B 179 8.21 -13.29 -18.41
CA GLY B 179 8.37 -14.53 -19.16
C GLY B 179 8.74 -15.72 -18.29
N ASN B 180 9.66 -15.51 -17.36
CA ASN B 180 10.09 -16.57 -16.46
C ASN B 180 9.02 -16.93 -15.44
N PHE B 181 8.39 -15.91 -14.86
CA PHE B 181 7.41 -16.14 -13.80
C PHE B 181 6.20 -16.90 -14.33
N ALA B 182 5.80 -16.58 -15.55
CA ALA B 182 4.56 -17.13 -16.13
C ALA B 182 4.71 -18.58 -16.59
N PHE B 183 5.88 -19.18 -16.41
CA PHE B 183 6.07 -20.60 -16.69
C PHE B 183 5.06 -21.43 -15.92
N GLU B 184 4.36 -22.33 -16.61
CA GLU B 184 3.30 -23.11 -15.98
C GLU B 184 3.87 -24.00 -14.87
N SER B 185 5.08 -24.50 -15.05
CA SER B 185 5.70 -25.37 -14.05
C SER B 185 6.06 -24.58 -12.80
N ASN B 186 6.29 -23.28 -12.96
CA ASN B 186 6.62 -22.41 -11.84
C ASN B 186 5.40 -22.04 -11.00
N LEU B 187 4.22 -22.16 -11.59
CA LEU B 187 2.98 -21.78 -10.93
C LEU B 187 2.32 -22.94 -10.16
N SER B 188 2.89 -24.12 -10.30
CA SER B 188 2.37 -25.30 -9.62
C SER B 188 3.08 -25.50 -8.29
N VAL B 190 4.91 -27.48 -5.28
CA VAL B 190 5.80 -28.62 -5.15
C VAL B 190 5.10 -29.76 -4.41
N VAL B 191 5.27 -30.97 -4.92
CA VAL B 191 4.63 -32.16 -4.35
C VAL B 191 4.90 -32.29 -2.85
N GLY C 4 -2.34 -27.31 -15.99
CA GLY C 4 -1.99 -26.18 -16.83
C GLY C 4 -2.56 -24.88 -16.31
N SER C 5 -1.67 -23.98 -15.91
CA SER C 5 -2.06 -22.67 -15.38
C SER C 5 -1.23 -21.59 -16.06
N ILE C 7 -0.64 -16.97 -16.34
CA ILE C 7 -0.87 -15.64 -15.79
C ILE C 7 -1.58 -14.78 -16.82
N VAL C 8 -2.50 -13.94 -16.34
CA VAL C 8 -3.28 -13.08 -17.21
C VAL C 8 -2.67 -11.68 -17.25
N PHE C 9 -2.55 -11.14 -18.46
CA PHE C 9 -1.97 -9.82 -18.70
C PHE C 9 -2.98 -8.90 -19.36
N ASP C 10 -2.86 -7.60 -19.12
CA ASP C 10 -3.73 -6.63 -19.78
C ASP C 10 -3.18 -6.38 -21.19
N SER C 11 -3.83 -5.49 -21.93
CA SER C 11 -3.47 -5.29 -23.33
C SER C 11 -2.12 -4.59 -23.50
N ASP C 12 -1.58 -4.04 -22.41
CA ASP C 12 -0.26 -3.42 -22.42
C ASP C 12 0.84 -4.41 -22.10
N GLY C 13 0.47 -5.65 -21.78
CA GLY C 13 1.43 -6.65 -21.39
C GLY C 13 1.79 -6.60 -19.91
N ASP C 14 1.05 -5.82 -19.13
CA ASP C 14 1.24 -5.76 -17.69
C ASP C 14 0.38 -6.80 -16.99
N PHE C 15 0.77 -7.19 -15.78
CA PHE C 15 0.01 -8.15 -14.99
C PHE C 15 -1.39 -7.63 -14.73
N LEU C 16 -2.39 -8.48 -14.94
CA LEU C 16 -3.74 -8.18 -14.52
C LEU C 16 -3.74 -8.14 -13.00
N ARG C 17 -4.35 -7.11 -12.43
CA ARG C 17 -4.40 -6.95 -10.98
C ARG C 17 -5.70 -7.49 -10.40
N ASN C 18 -5.58 -8.32 -9.38
CA ASN C 18 -6.72 -8.81 -8.63
C ASN C 18 -7.51 -7.66 -8.03
N GLY C 19 -8.80 -7.59 -8.32
CA GLY C 19 -9.64 -6.50 -7.88
C GLY C 19 -9.61 -5.31 -8.83
N GLY C 20 -8.84 -5.45 -9.90
CA GLY C 20 -8.67 -4.38 -10.87
C GLY C 20 -9.91 -4.16 -11.72
N THR C 21 -10.06 -2.94 -12.21
CA THR C 21 -11.18 -2.58 -13.06
C THR C 21 -10.69 -2.32 -14.49
N TYR C 22 -11.26 -3.07 -15.43
CA TYR C 22 -10.79 -3.07 -16.81
C TYR C 22 -11.93 -2.90 -17.81
N LEU C 24 -13.48 -4.33 -21.02
CA LEU C 24 -13.43 -5.50 -21.89
C LEU C 24 -13.43 -5.05 -23.34
N SER C 25 -12.33 -5.35 -24.04
CA SER C 25 -12.11 -4.85 -25.40
C SER C 25 -11.94 -6.01 -26.38
N PRO C 26 -13.03 -6.40 -27.07
CA PRO C 26 -12.93 -7.47 -28.06
C PRO C 26 -12.07 -7.07 -29.26
N PRO C 27 -10.96 -7.80 -29.52
CA PRO C 27 -10.07 -7.38 -30.60
C PRO C 27 -10.66 -7.58 -31.99
N ASN C 28 -11.64 -8.47 -32.10
CA ASN C 28 -12.22 -8.81 -33.39
C ASN C 28 -13.51 -8.06 -33.67
N GLY C 29 -13.58 -6.82 -33.18
CA GLY C 29 -14.73 -5.97 -33.41
C GLY C 29 -15.99 -6.47 -32.73
N GLY C 30 -17.11 -5.80 -32.99
CA GLY C 30 -18.38 -6.18 -32.42
C GLY C 30 -18.85 -5.19 -31.37
N GLY C 31 -17.92 -4.38 -30.87
CA GLY C 31 -18.25 -3.33 -29.93
C GLY C 31 -17.98 -3.69 -28.48
N GLY C 32 -18.36 -2.79 -27.58
CA GLY C 32 -18.06 -2.93 -26.17
C GLY C 32 -19.06 -3.78 -25.42
N ILE C 33 -18.78 -4.01 -24.14
CA ILE C 33 -19.60 -4.84 -23.27
C ILE C 33 -20.32 -3.99 -22.25
N LEU C 34 -21.64 -4.14 -22.20
CA LEU C 34 -22.46 -3.40 -21.27
C LEU C 34 -23.72 -4.22 -21.00
N ALA C 35 -24.82 -3.56 -20.67
CA ALA C 35 -26.07 -4.26 -20.37
C ALA C 35 -27.27 -3.49 -20.90
N ALA C 36 -28.39 -4.20 -21.08
CA ALA C 36 -29.64 -3.60 -21.51
C ALA C 36 -30.81 -4.27 -20.80
N ALA C 37 -31.92 -3.55 -20.69
CA ALA C 37 -33.11 -4.06 -20.02
C ALA C 37 -33.77 -5.16 -20.85
N ILE C 38 -34.20 -6.22 -20.18
CA ILE C 38 -34.83 -7.36 -20.84
C ILE C 38 -36.07 -7.78 -20.04
N CYS C 46 -38.20 -5.77 -14.65
CA CYS C 46 -37.26 -6.23 -15.67
C CYS C 46 -35.92 -6.60 -15.06
N SER C 47 -34.99 -7.01 -15.92
CA SER C 47 -33.64 -7.38 -15.47
C SER C 47 -32.63 -6.99 -16.55
N LEU C 48 -31.42 -6.65 -16.11
CA LEU C 48 -30.37 -6.23 -17.04
C LEU C 48 -29.60 -7.44 -17.55
N GLY C 49 -29.50 -7.56 -18.86
CA GLY C 49 -28.74 -8.62 -19.48
C GLY C 49 -27.46 -8.08 -20.10
N VAL C 50 -26.36 -8.79 -19.87
CA VAL C 50 -25.08 -8.36 -20.39
C VAL C 50 -25.01 -8.59 -21.90
N ILE C 51 -24.57 -7.57 -22.61
CA ILE C 51 -24.61 -7.55 -24.08
C ILE C 51 -23.32 -7.03 -24.68
N GLN C 52 -23.15 -7.30 -25.96
CA GLN C 52 -22.13 -6.64 -26.77
C GLN C 52 -22.84 -5.76 -27.78
N HIS C 53 -22.42 -4.50 -27.88
CA HIS C 53 -23.07 -3.54 -28.78
C HIS C 53 -22.07 -2.75 -29.60
N GLU C 54 -22.24 -2.80 -30.92
CA GLU C 54 -21.27 -2.26 -31.86
C GLU C 54 -21.02 -0.76 -31.72
N SER C 55 -21.98 -0.03 -31.17
CA SER C 55 -21.90 1.43 -31.14
C SER C 55 -21.60 1.98 -29.74
N TYR C 56 -21.03 1.14 -28.87
CA TYR C 56 -20.74 1.56 -27.51
C TYR C 56 -19.35 1.12 -27.03
N THR C 57 -18.75 1.96 -26.20
CA THR C 57 -17.46 1.66 -25.58
C THR C 57 -17.59 0.52 -24.59
N GLY C 58 -18.73 0.48 -23.89
CA GLY C 58 -18.98 -0.52 -22.87
C GLY C 58 -18.72 0.04 -21.47
N TRP C 59 -18.99 -0.77 -20.46
CA TRP C 59 -18.81 -0.37 -19.07
C TRP C 59 -17.65 -1.12 -18.43
N PRO C 60 -16.78 -0.43 -17.68
CA PRO C 60 -15.67 -1.10 -16.99
C PRO C 60 -16.12 -2.24 -16.07
N VAL C 61 -15.31 -3.29 -16.00
CA VAL C 61 -15.62 -4.47 -15.20
C VAL C 61 -14.55 -4.71 -14.14
N THR C 62 -14.99 -4.90 -12.89
CA THR C 62 -14.09 -5.24 -11.80
C THR C 62 -13.92 -6.75 -11.72
N ILE C 63 -12.65 -7.20 -11.71
CA ILE C 63 -12.34 -8.63 -11.71
C ILE C 63 -11.68 -9.02 -10.39
N SER C 64 -12.39 -9.81 -9.59
CA SER C 64 -11.90 -10.24 -8.26
C SER C 64 -11.91 -11.75 -8.11
N ALA C 65 -10.76 -12.30 -7.74
CA ALA C 65 -10.63 -13.73 -7.51
C ALA C 65 -11.02 -14.07 -6.07
N LEU C 66 -11.38 -15.32 -5.84
CA LEU C 66 -11.66 -15.78 -4.48
C LEU C 66 -10.36 -15.82 -3.70
N VAL C 67 -9.28 -16.30 -4.34
CA VAL C 67 -7.95 -16.20 -3.75
C VAL C 67 -7.51 -14.74 -3.83
N ARG C 68 -6.71 -14.31 -2.87
CA ARG C 68 -6.43 -12.88 -2.69
C ARG C 68 -4.98 -12.44 -2.94
N PRO C 69 -4.29 -13.07 -3.91
CA PRO C 69 -2.96 -12.53 -4.19
C PRO C 69 -3.04 -11.30 -5.08
N THR C 70 -1.91 -10.67 -5.35
CA THR C 70 -1.87 -9.45 -6.16
C THR C 70 -2.30 -9.66 -7.61
N PHE C 71 -1.87 -10.78 -8.20
CA PHE C 71 -2.09 -11.04 -9.62
C PHE C 71 -3.28 -11.99 -9.86
N ILE C 72 -3.51 -12.30 -11.14
CA ILE C 72 -4.60 -13.17 -11.56
C ILE C 72 -4.09 -14.27 -12.49
N SER C 73 -4.49 -15.51 -12.19
CA SER C 73 -4.13 -16.67 -12.99
C SER C 73 -5.37 -17.28 -13.64
N THR C 74 -5.16 -18.02 -14.72
CA THR C 74 -6.25 -18.64 -15.45
C THR C 74 -6.91 -19.78 -14.66
N SER C 75 -6.32 -20.15 -13.52
CA SER C 75 -6.87 -21.21 -12.69
C SER C 75 -7.67 -20.65 -11.51
N PHE C 76 -7.82 -19.32 -11.45
CA PHE C 76 -8.57 -18.67 -10.38
C PHE C 76 -10.04 -18.54 -10.68
N GLN C 77 -10.89 -19.01 -9.78
CA GLN C 77 -12.31 -18.68 -9.81
C GLN C 77 -12.47 -17.19 -9.60
N LEU C 78 -13.31 -16.55 -10.42
CA LEU C 78 -13.45 -15.10 -10.43
C LEU C 78 -14.90 -14.64 -10.30
N LEU C 79 -15.08 -13.51 -9.61
CA LEU C 79 -16.33 -12.79 -9.60
C LEU C 79 -16.19 -11.56 -10.50
N LEU C 80 -17.15 -11.39 -11.41
CA LEU C 80 -17.14 -10.27 -12.34
C LEU C 80 -18.30 -9.34 -12.06
N SER C 81 -18.01 -8.04 -12.00
CA SER C 81 -19.03 -7.02 -11.75
C SER C 81 -18.71 -5.74 -12.51
N PHE C 82 -19.73 -5.09 -13.06
CA PHE C 82 -19.55 -3.76 -13.61
C PHE C 82 -19.15 -2.83 -12.47
N ALA C 83 -18.18 -1.96 -12.72
CA ALA C 83 -17.75 -0.98 -11.73
C ALA C 83 -18.90 -0.07 -11.34
N TYR C 84 -19.74 0.21 -12.33
CA TYR C 84 -20.85 1.14 -12.17
C TYR C 84 -21.94 0.80 -13.17
N ILE C 85 -23.20 0.91 -12.75
CA ILE C 85 -24.32 0.78 -13.67
C ILE C 85 -25.17 2.06 -13.63
N PRO C 86 -25.66 2.51 -14.80
CA PRO C 86 -26.52 3.69 -14.79
C PRO C 86 -27.79 3.48 -13.95
N PRO C 87 -28.40 4.57 -13.47
CA PRO C 87 -29.67 4.43 -12.74
C PRO C 87 -30.75 3.79 -13.60
N ASN C 88 -31.35 2.71 -13.10
CA ASN C 88 -32.37 1.99 -13.85
C ASN C 88 -33.42 1.39 -12.92
N VAL C 89 -34.50 0.90 -13.52
CA VAL C 89 -35.62 0.33 -12.76
C VAL C 89 -35.43 -1.17 -12.52
N CYS C 90 -34.57 -1.79 -13.32
CA CYS C 90 -34.38 -3.24 -13.26
C CYS C 90 -33.66 -3.70 -11.98
N THR C 91 -32.50 -3.11 -11.70
CA THR C 91 -31.69 -3.53 -10.57
C THR C 91 -30.69 -2.46 -10.15
N LYS C 92 -30.07 -2.68 -8.99
CA LYS C 92 -29.00 -1.80 -8.52
C LYS C 92 -27.77 -2.62 -8.10
N ASN C 93 -27.76 -3.90 -8.45
CA ASN C 93 -26.57 -4.73 -8.33
C ASN C 93 -25.92 -4.90 -9.70
N SER C 94 -24.61 -5.12 -9.70
CA SER C 94 -23.82 -5.13 -10.93
C SER C 94 -23.09 -6.45 -11.15
N ASP C 95 -23.38 -7.45 -10.32
CA ASP C 95 -22.67 -8.72 -10.40
C ASP C 95 -23.16 -9.57 -11.57
N TRP C 96 -22.21 -10.09 -12.34
CA TRP C 96 -22.53 -10.99 -13.44
C TRP C 96 -23.03 -12.34 -12.93
N ILE C 97 -24.19 -12.76 -13.42
CA ILE C 97 -24.77 -14.03 -13.01
C ILE C 97 -25.39 -14.75 -14.22
N ILE C 98 -25.22 -16.06 -14.27
CA ILE C 98 -25.82 -16.87 -15.32
C ILE C 98 -27.25 -17.22 -14.92
N LYS C 99 -28.20 -16.87 -15.78
CA LYS C 99 -29.59 -17.27 -15.59
C LYS C 99 -29.95 -18.28 -16.66
N SER C 100 -30.33 -19.47 -16.21
CA SER C 100 -30.60 -20.58 -17.12
C SER C 100 -32.09 -20.81 -17.28
N SER C 101 -32.53 -20.86 -18.53
CA SER C 101 -33.91 -21.21 -18.84
C SER C 101 -34.05 -22.73 -18.87
N ASN C 102 -32.96 -23.40 -19.26
CA ASN C 102 -32.90 -24.85 -19.29
C ASN C 102 -31.44 -25.30 -19.09
N ASP C 103 -31.11 -26.53 -19.44
CA ASP C 103 -29.76 -27.04 -19.21
C ASP C 103 -28.78 -26.61 -20.30
N PHE C 104 -29.30 -26.01 -21.38
CA PHE C 104 -28.46 -25.45 -22.43
C PHE C 104 -28.43 -23.92 -22.38
N GLU C 105 -29.61 -23.31 -22.49
CA GLU C 105 -29.69 -21.87 -22.62
C GLU C 105 -29.40 -21.16 -21.30
N GLY C 106 -28.14 -20.76 -21.14
CA GLY C 106 -27.72 -19.93 -20.03
C GLY C 106 -27.25 -18.60 -20.56
N THR C 107 -27.71 -17.51 -19.93
CA THR C 107 -27.41 -16.17 -20.39
C THR C 107 -26.85 -15.34 -19.23
N VAL C 108 -25.89 -14.47 -19.53
CA VAL C 108 -25.26 -13.64 -18.50
C VAL C 108 -26.11 -12.41 -18.21
N LEU C 110 -27.30 -9.43 -14.89
CA LEU C 110 -26.87 -8.81 -13.64
C LEU C 110 -27.81 -9.27 -12.53
N GLY C 111 -27.30 -9.32 -11.31
CA GLY C 111 -28.07 -9.83 -10.19
C GLY C 111 -29.14 -8.86 -9.73
N ASP C 112 -30.15 -9.39 -9.05
CA ASP C 112 -31.19 -8.57 -8.44
C ASP C 112 -30.86 -8.35 -6.97
N ASP C 113 -31.80 -7.80 -6.22
CA ASP C 113 -31.59 -7.49 -4.81
C ASP C 113 -31.33 -8.77 -4.00
N LYS C 114 -31.91 -9.88 -4.45
CA LYS C 114 -31.78 -11.15 -3.76
C LYS C 114 -30.50 -11.91 -4.15
N ASN C 115 -29.76 -11.38 -5.12
CA ASN C 115 -28.56 -12.05 -5.61
C ASN C 115 -27.41 -11.08 -5.90
N PRO C 116 -26.81 -10.52 -4.84
CA PRO C 116 -25.69 -9.57 -4.99
C PRO C 116 -24.37 -10.24 -5.35
N VAL C 117 -24.24 -11.53 -5.06
CA VAL C 117 -23.03 -12.29 -5.40
C VAL C 117 -23.25 -13.04 -6.72
N GLY C 118 -22.32 -12.86 -7.66
CA GLY C 118 -22.49 -13.38 -9.00
C GLY C 118 -22.01 -14.81 -9.18
N SER C 119 -21.92 -15.22 -10.45
CA SER C 119 -21.41 -16.54 -10.78
C SER C 119 -19.89 -16.55 -10.79
N LEU C 120 -19.31 -17.74 -10.72
CA LEU C 120 -17.86 -17.90 -10.78
C LEU C 120 -17.40 -18.14 -12.20
N PHE C 121 -16.49 -17.29 -12.66
CA PHE C 121 -15.91 -17.39 -14.00
C PHE C 121 -14.42 -17.72 -13.92
N PHE C 122 -13.87 -18.21 -15.03
CA PHE C 122 -12.42 -18.27 -15.22
C PHE C 122 -12.04 -17.47 -16.46
N ILE C 123 -10.87 -16.85 -16.43
CA ILE C 123 -10.26 -16.30 -17.64
C ILE C 123 -9.32 -17.35 -18.20
N LYS C 124 -9.52 -17.73 -19.46
CA LYS C 124 -8.66 -18.69 -20.12
C LYS C 124 -7.98 -18.06 -21.32
N SER C 125 -6.78 -18.55 -21.65
CA SER C 125 -6.06 -18.05 -22.80
C SER C 125 -6.79 -18.44 -24.07
N TYR C 126 -6.86 -17.53 -25.03
CA TYR C 126 -7.41 -17.82 -26.34
C TYR C 126 -6.29 -17.85 -27.37
N ASP C 127 -5.44 -16.82 -27.34
CA ASP C 127 -4.27 -16.76 -28.21
C ASP C 127 -3.14 -16.05 -27.45
N SER C 128 -2.19 -16.83 -26.94
CA SER C 128 -1.14 -16.31 -26.09
C SER C 128 -0.17 -15.40 -26.86
N SER C 129 -0.24 -15.44 -28.18
CA SER C 129 0.62 -14.60 -29.00
C SER C 129 0.25 -13.12 -28.88
N LYS C 130 -1.00 -12.84 -28.55
CA LYS C 130 -1.54 -11.48 -28.62
C LYS C 130 -2.22 -11.03 -27.33
N ASN C 131 -2.02 -11.79 -26.26
CA ASN C 131 -2.74 -11.55 -25.00
C ASN C 131 -4.24 -11.54 -25.22
N TYR C 132 -4.75 -12.48 -26.03
CA TYR C 132 -6.18 -12.66 -26.20
C TYR C 132 -6.68 -13.70 -25.22
N TYR C 133 -7.84 -13.44 -24.62
CA TYR C 133 -8.42 -14.33 -23.63
C TYR C 133 -9.90 -14.60 -23.90
N LYS C 134 -10.46 -15.48 -23.10
CA LYS C 134 -11.89 -15.76 -23.15
C LYS C 134 -12.39 -16.00 -21.73
N LEU C 135 -13.70 -15.88 -21.55
CA LEU C 135 -14.33 -16.22 -20.28
C LEU C 135 -14.97 -17.60 -20.40
N VAL C 136 -14.90 -18.36 -19.32
CA VAL C 136 -15.55 -19.66 -19.25
C VAL C 136 -16.16 -19.87 -17.87
N VAL C 137 -17.11 -20.79 -17.79
CA VAL C 137 -17.64 -21.28 -16.53
C VAL C 137 -17.36 -22.77 -16.45
N CYS C 138 -17.02 -23.25 -15.25
CA CYS C 138 -16.57 -24.63 -15.09
C CYS C 138 -17.38 -25.36 -14.02
N GLY C 139 -17.30 -26.69 -14.06
CA GLY C 139 -18.03 -27.52 -13.12
C GLY C 139 -17.27 -27.70 -11.82
N GLY C 140 -17.88 -27.23 -10.73
CA GLY C 140 -17.27 -27.35 -9.42
C GLY C 140 -16.11 -26.41 -9.21
N ARG C 141 -15.23 -26.78 -8.27
CA ARG C 141 -14.09 -25.95 -7.89
C ARG C 141 -12.99 -25.95 -8.94
N GLY C 142 -12.92 -27.02 -9.73
CA GLY C 142 -11.88 -27.15 -10.73
C GLY C 142 -12.27 -26.52 -12.06
N ASP C 143 -11.34 -26.56 -13.01
CA ASP C 143 -11.57 -26.04 -14.35
C ASP C 143 -11.32 -27.13 -15.38
N GLU C 144 -11.76 -28.34 -15.05
CA GLU C 144 -11.50 -29.53 -15.87
C GLU C 144 -12.56 -29.72 -16.94
N HIS C 145 -13.76 -29.22 -16.68
CA HIS C 145 -14.88 -29.31 -17.61
C HIS C 145 -15.57 -27.95 -17.68
N CYS C 146 -15.40 -27.26 -18.79
CA CYS C 146 -15.86 -25.89 -18.92
C CYS C 146 -16.69 -25.64 -20.18
N ARG C 147 -17.44 -24.55 -20.17
CA ARG C 147 -18.15 -24.07 -21.34
C ARG C 147 -17.79 -22.61 -21.56
N ASN C 148 -17.70 -22.20 -22.82
CA ASN C 148 -17.31 -20.85 -23.16
C ASN C 148 -18.42 -19.84 -22.91
N ILE C 149 -18.01 -18.59 -22.69
CA ILE C 149 -18.92 -17.46 -22.80
C ILE C 149 -18.79 -16.91 -24.21
N GLY C 150 -19.90 -16.88 -24.93
CA GLY C 150 -19.92 -16.37 -26.29
C GLY C 150 -21.07 -15.39 -26.44
N VAL C 151 -21.39 -15.07 -27.69
CA VAL C 151 -22.50 -14.17 -27.98
C VAL C 151 -23.51 -14.84 -28.89
N ASP C 152 -24.77 -14.49 -28.71
CA ASP C 152 -25.85 -15.00 -29.55
C ASP C 152 -26.96 -13.96 -29.60
N LYS C 153 -27.45 -13.69 -30.81
CA LYS C 153 -28.49 -12.69 -31.01
C LYS C 153 -29.83 -13.18 -30.48
N ASP C 154 -30.54 -12.35 -29.73
CA ASP C 154 -31.83 -12.74 -29.17
C ASP C 154 -32.96 -12.22 -30.05
N GLU C 155 -34.20 -12.42 -29.59
CA GLU C 155 -35.38 -12.04 -30.37
C GLU C 155 -35.41 -10.55 -30.69
N ASN C 156 -34.92 -9.74 -29.75
CA ASN C 156 -34.95 -8.29 -29.89
C ASN C 156 -33.69 -7.71 -30.56
N GLY C 157 -32.83 -8.58 -31.08
CA GLY C 157 -31.66 -8.16 -31.80
C GLY C 157 -30.45 -7.85 -30.94
N TYR C 158 -30.57 -8.09 -29.64
CA TYR C 158 -29.45 -7.88 -28.72
C TYR C 158 -28.45 -9.03 -28.82
N LYS C 159 -27.16 -8.69 -28.88
CA LYS C 159 -26.10 -9.69 -28.87
C LYS C 159 -25.80 -10.04 -27.42
N ARG C 160 -26.52 -11.05 -26.92
CA ARG C 160 -26.46 -11.44 -25.52
C ARG C 160 -25.24 -12.31 -25.24
N LEU C 161 -24.60 -12.10 -24.09
CA LEU C 161 -23.56 -13.01 -23.64
C LEU C 161 -24.20 -14.28 -23.12
N VAL C 162 -23.75 -15.43 -23.62
CA VAL C 162 -24.37 -16.72 -23.31
C VAL C 162 -23.33 -17.81 -23.08
N VAL C 163 -23.75 -18.87 -22.39
CA VAL C 163 -22.94 -20.07 -22.24
C VAL C 163 -23.09 -20.94 -23.48
N THR C 164 -21.97 -21.35 -24.06
CA THR C 164 -21.99 -22.10 -25.32
C THR C 164 -20.79 -23.02 -25.46
N GLU C 165 -20.97 -24.09 -26.23
CA GLU C 165 -19.85 -24.93 -26.65
C GLU C 165 -19.18 -24.34 -27.88
N GLY C 166 -19.84 -23.33 -28.45
CA GLY C 166 -19.35 -22.71 -29.68
C GLY C 166 -18.19 -21.77 -29.44
N GLU C 167 -17.82 -21.04 -30.49
CA GLU C 167 -16.72 -20.09 -30.42
C GLU C 167 -16.94 -19.08 -29.29
N PRO C 168 -15.87 -18.74 -28.55
CA PRO C 168 -16.03 -17.82 -27.43
C PRO C 168 -15.97 -16.36 -27.83
N LEU C 169 -16.40 -15.48 -26.93
CA LEU C 169 -16.15 -14.05 -27.09
C LEU C 169 -14.69 -13.79 -26.76
N VAL C 170 -13.90 -13.41 -27.76
CA VAL C 170 -12.49 -13.14 -27.55
C VAL C 170 -12.32 -11.76 -26.93
N LEU C 171 -11.43 -11.66 -25.95
CA LEU C 171 -11.29 -10.44 -25.17
C LEU C 171 -9.85 -10.04 -24.91
N GLN C 172 -9.66 -8.74 -24.75
CA GLN C 172 -8.47 -8.17 -24.13
C GLN C 172 -8.94 -7.30 -22.97
N PHE C 173 -8.05 -7.04 -22.03
CA PHE C 173 -8.37 -6.23 -20.86
C PHE C 173 -7.57 -4.94 -20.90
N ASP C 174 -8.27 -3.82 -21.04
CA ASP C 174 -7.62 -2.50 -21.09
C ASP C 174 -7.69 -1.80 -19.74
N LYS C 175 -6.59 -1.17 -19.33
CA LYS C 175 -6.60 -0.30 -18.16
C LYS C 175 -7.66 0.78 -18.33
N VAL C 176 -8.24 1.22 -17.22
CA VAL C 176 -9.12 2.39 -17.23
C VAL C 176 -8.47 3.54 -16.46
N SER D 5 2.06 26.44 12.02
CA SER D 5 2.32 25.17 11.36
C SER D 5 1.72 25.16 9.96
N ILE D 7 1.62 22.58 5.98
CA ILE D 7 1.95 21.34 5.29
C ILE D 7 2.99 21.60 4.21
N VAL D 8 3.99 20.72 4.13
CA VAL D 8 5.08 20.89 3.17
C VAL D 8 4.73 20.27 1.82
N PHE D 9 5.13 20.95 0.75
CA PHE D 9 4.91 20.48 -0.62
C PHE D 9 6.24 20.22 -1.32
N ASP D 10 6.24 19.32 -2.30
CA ASP D 10 7.41 19.11 -3.15
C ASP D 10 7.42 20.16 -4.26
N SER D 11 8.40 20.06 -5.15
CA SER D 11 8.61 21.10 -6.16
C SER D 11 7.49 21.13 -7.23
N ASP D 12 6.65 20.10 -7.24
CA ASP D 12 5.53 20.05 -8.19
C ASP D 12 4.22 20.55 -7.56
N GLY D 13 4.28 20.92 -6.29
CA GLY D 13 3.09 21.37 -5.57
C GLY D 13 2.28 20.22 -5.00
N ASP D 14 2.84 19.01 -5.02
CA ASP D 14 2.18 17.86 -4.41
C ASP D 14 2.62 17.72 -2.96
N PHE D 15 1.76 17.16 -2.11
CA PHE D 15 2.09 16.95 -0.71
C PHE D 15 3.40 16.18 -0.58
N LEU D 16 4.29 16.68 0.26
CA LEU D 16 5.50 15.94 0.61
C LEU D 16 5.08 14.71 1.39
N ARG D 17 5.67 13.56 1.07
CA ARG D 17 5.29 12.31 1.71
C ARG D 17 6.28 11.91 2.79
N ASN D 18 5.73 11.56 3.95
CA ASN D 18 6.52 11.08 5.08
C ASN D 18 7.29 9.82 4.69
N GLY D 19 8.60 9.86 4.87
CA GLY D 19 9.47 8.76 4.47
C GLY D 19 9.89 8.89 3.02
N GLY D 20 9.52 10.01 2.40
CA GLY D 20 9.82 10.23 1.00
C GLY D 20 11.27 10.54 0.74
N THR D 21 11.75 10.12 -0.44
CA THR D 21 13.12 10.37 -0.86
C THR D 21 13.12 11.42 -1.96
N TYR D 22 13.80 12.54 -1.68
CA TYR D 22 13.78 13.68 -2.59
C TYR D 22 15.18 14.19 -2.90
N LEU D 24 17.34 17.30 -3.02
CA LEU D 24 17.38 18.66 -2.52
C LEU D 24 17.88 19.58 -3.62
N SER D 25 17.02 20.52 -4.01
CA SER D 25 17.25 21.36 -5.19
C SER D 25 17.24 22.84 -4.81
N PRO D 26 18.43 23.44 -4.62
CA PRO D 26 18.50 24.83 -4.19
C PRO D 26 18.26 25.83 -5.34
N PRO D 27 17.21 26.66 -5.24
CA PRO D 27 16.93 27.60 -6.34
C PRO D 27 18.01 28.68 -6.52
N ASN D 28 18.93 28.83 -5.57
CA ASN D 28 19.99 29.82 -5.70
C ASN D 28 21.01 29.47 -6.77
N GLY D 29 20.95 28.24 -7.28
CA GLY D 29 21.84 27.79 -8.34
C GLY D 29 23.25 27.47 -7.85
N GLY D 30 23.40 27.25 -6.55
CA GLY D 30 24.70 26.97 -5.97
C GLY D 30 25.15 25.53 -6.17
N GLY D 31 24.25 24.70 -6.70
CA GLY D 31 24.57 23.31 -6.99
C GLY D 31 23.86 22.32 -6.07
N GLY D 32 24.11 21.03 -6.31
CA GLY D 32 23.44 19.98 -5.56
C GLY D 32 24.03 19.73 -4.18
N ILE D 33 23.34 18.91 -3.40
CA ILE D 33 23.76 18.59 -2.04
C ILE D 33 24.31 17.18 -1.98
N LEU D 34 25.52 17.06 -1.43
CA LEU D 34 26.18 15.77 -1.25
C LEU D 34 27.08 15.84 -0.02
N ALA D 35 28.16 15.07 -0.02
CA ALA D 35 29.10 15.07 1.09
C ALA D 35 30.53 14.91 0.60
N ALA D 36 31.49 15.38 1.40
CA ALA D 36 32.90 15.32 1.04
C ALA D 36 33.74 14.91 2.25
N ALA D 37 34.82 14.18 1.97
CA ALA D 37 35.74 13.74 3.01
C ALA D 37 36.41 14.94 3.67
N ILE D 38 36.35 14.98 5.00
CA ILE D 38 36.81 16.14 5.76
C ILE D 38 37.45 15.67 7.06
N LYS D 39 38.43 16.44 7.53
CA LYS D 39 38.97 16.28 8.88
C LYS D 39 38.80 17.58 9.65
N GLN D 40 37.94 17.55 10.67
CA GLN D 40 37.73 18.73 11.51
C GLN D 40 37.34 18.33 12.93
N ASP D 45 40.58 10.75 12.51
CA ASP D 45 40.09 10.17 11.27
C ASP D 45 39.15 11.12 10.55
N CYS D 46 38.79 10.78 9.31
CA CYS D 46 37.96 11.66 8.49
C CYS D 46 36.46 11.41 8.70
N SER D 47 35.68 12.46 8.45
CA SER D 47 34.23 12.37 8.48
C SER D 47 33.70 12.98 7.19
N LEU D 48 32.51 12.55 6.78
CA LEU D 48 31.84 13.15 5.62
C LEU D 48 30.99 14.34 6.08
N GLY D 49 31.32 15.51 5.55
CA GLY D 49 30.57 16.72 5.84
C GLY D 49 29.65 17.04 4.68
N VAL D 50 28.39 17.37 4.98
CA VAL D 50 27.42 17.68 3.94
C VAL D 50 27.77 19.03 3.32
N ILE D 51 27.73 19.09 2.00
CA ILE D 51 28.14 20.29 1.26
C ILE D 51 27.21 20.59 0.10
N GLN D 52 27.31 21.82 -0.40
CA GLN D 52 26.72 22.20 -1.67
C GLN D 52 27.87 22.36 -2.67
N HIS D 53 27.69 21.85 -3.88
CA HIS D 53 28.74 21.95 -4.89
C HIS D 53 28.18 22.15 -6.29
N GLU D 54 28.67 23.18 -6.97
CA GLU D 54 28.22 23.48 -8.34
C GLU D 54 28.56 22.33 -9.28
N SER D 55 27.70 22.15 -10.29
CA SER D 55 27.89 21.12 -11.31
C SER D 55 27.87 19.71 -10.71
N TYR D 56 27.29 19.58 -9.51
CA TYR D 56 26.98 18.28 -8.92
C TYR D 56 25.46 18.18 -8.77
N THR D 57 24.89 17.06 -9.19
CA THR D 57 23.45 16.86 -9.08
C THR D 57 23.03 16.67 -7.63
N GLY D 58 23.87 16.00 -6.86
CA GLY D 58 23.60 15.73 -5.46
C GLY D 58 23.05 14.35 -5.23
N TRP D 59 22.95 13.96 -3.97
CA TRP D 59 22.43 12.65 -3.59
C TRP D 59 21.05 12.79 -2.96
N PRO D 60 20.08 11.93 -3.36
CA PRO D 60 18.74 12.00 -2.78
C PRO D 60 18.72 11.83 -1.26
N VAL D 61 17.80 12.56 -0.61
CA VAL D 61 17.67 12.54 0.85
C VAL D 61 16.30 12.01 1.25
N THR D 62 16.30 11.06 2.20
CA THR D 62 15.07 10.51 2.73
C THR D 62 14.65 11.31 3.97
N ILE D 63 13.39 11.73 3.99
CA ILE D 63 12.84 12.57 5.04
C ILE D 63 11.77 11.81 5.83
N SER D 64 12.09 11.48 7.07
CA SER D 64 11.17 10.73 7.93
C SER D 64 10.88 11.46 9.23
N ALA D 65 9.59 11.66 9.51
CA ALA D 65 9.17 12.28 10.75
C ALA D 65 9.12 11.24 11.86
N LEU D 66 9.18 11.69 13.11
CA LEU D 66 9.01 10.81 14.25
C LEU D 66 7.57 10.32 14.31
N VAL D 67 6.62 11.22 14.07
CA VAL D 67 5.23 10.82 13.91
C VAL D 67 5.08 10.20 12.52
N ARG D 68 4.10 9.31 12.35
CA ARG D 68 4.01 8.50 11.14
C ARG D 68 2.72 8.67 10.31
N PRO D 69 2.23 9.90 10.17
CA PRO D 69 1.15 10.08 9.20
C PRO D 69 1.68 10.11 7.77
N THR D 70 0.78 10.20 6.80
CA THR D 70 1.17 10.17 5.39
C THR D 70 1.97 11.40 4.97
N PHE D 71 1.56 12.56 5.47
CA PHE D 71 2.16 13.85 5.06
C PHE D 71 3.15 14.38 6.09
N ILE D 72 3.75 15.52 5.79
CA ILE D 72 4.72 16.18 6.66
C ILE D 72 4.35 17.64 6.91
N SER D 73 4.35 18.02 8.18
CA SER D 73 4.09 19.40 8.58
C SER D 73 5.38 20.07 9.03
N THR D 74 5.41 21.39 8.96
CA THR D 74 6.57 22.15 9.41
C THR D 74 6.79 22.04 10.92
N SER D 75 5.83 21.46 11.64
CA SER D 75 5.94 21.29 13.08
C SER D 75 6.55 19.95 13.48
N PHE D 76 6.80 19.09 12.49
CA PHE D 76 7.30 17.74 12.75
C PHE D 76 8.82 17.70 12.92
N GLN D 77 9.28 17.05 13.98
CA GLN D 77 10.69 16.71 14.09
C GLN D 77 11.01 15.65 13.04
N LEU D 78 12.12 15.82 12.34
CA LEU D 78 12.46 14.99 11.19
C LEU D 78 13.85 14.39 11.30
N LEU D 79 13.99 13.17 10.77
CA LEU D 79 15.29 12.55 10.58
C LEU D 79 15.64 12.62 9.09
N LEU D 80 16.87 13.02 8.80
CA LEU D 80 17.34 13.14 7.42
C LEU D 80 18.48 12.17 7.16
N SER D 81 18.39 11.48 6.03
CA SER D 81 19.41 10.51 5.63
C SER D 81 19.55 10.47 4.12
N PHE D 82 20.78 10.39 3.64
CA PHE D 82 20.99 10.14 2.21
C PHE D 82 20.42 8.77 1.87
N ALA D 83 19.80 8.66 0.70
CA ALA D 83 19.26 7.39 0.27
C ALA D 83 20.38 6.38 0.07
N TYR D 84 21.56 6.91 -0.26
CA TYR D 84 22.75 6.10 -0.44
C TYR D 84 23.97 6.99 -0.37
N ILE D 85 25.12 6.40 -0.07
CA ILE D 85 26.38 7.13 -0.10
C ILE D 85 27.42 6.32 -0.87
N PRO D 86 28.24 6.98 -1.70
CA PRO D 86 29.27 6.24 -2.44
C PRO D 86 30.27 5.57 -1.49
N PRO D 87 30.99 4.55 -1.98
CA PRO D 87 32.08 3.98 -1.20
C PRO D 87 33.08 5.05 -0.78
N ASN D 88 33.53 4.99 0.46
CA ASN D 88 34.48 5.95 0.98
C ASN D 88 35.17 5.39 2.22
N VAL D 89 36.20 6.08 2.70
CA VAL D 89 37.01 5.57 3.80
C VAL D 89 36.66 6.23 5.14
N CYS D 90 35.59 7.02 5.15
CA CYS D 90 35.20 7.79 6.34
C CYS D 90 34.06 7.13 7.10
N THR D 91 32.99 6.76 6.38
CA THR D 91 31.82 6.19 7.02
C THR D 91 30.92 5.42 6.06
N LYS D 92 30.11 4.52 6.64
CA LYS D 92 29.07 3.81 5.91
C LYS D 92 27.68 4.27 6.40
N ASN D 93 27.69 5.27 7.27
CA ASN D 93 26.46 5.79 7.87
C ASN D 93 25.92 6.97 7.06
N SER D 94 24.65 6.91 6.68
CA SER D 94 24.04 7.92 5.82
C SER D 94 23.21 8.94 6.56
N ASP D 95 23.15 8.84 7.89
CA ASP D 95 22.31 9.72 8.69
C ASP D 95 22.94 11.09 8.90
N TRP D 96 22.15 12.14 8.71
CA TRP D 96 22.59 13.50 8.96
C TRP D 96 22.65 13.79 10.46
N ILE D 97 23.75 14.39 10.90
CA ILE D 97 23.89 14.81 12.28
C ILE D 97 24.47 16.23 12.34
N ILE D 98 24.33 16.84 13.52
CA ILE D 98 24.91 18.14 13.79
C ILE D 98 26.11 17.93 14.72
N LYS D 99 27.25 18.51 14.36
CA LYS D 99 28.46 18.41 15.16
C LYS D 99 29.00 19.78 15.48
N SER D 100 29.84 19.85 16.51
CA SER D 100 30.53 21.08 16.86
C SER D 100 31.67 21.31 15.88
N SER D 101 32.02 22.58 15.67
CA SER D 101 33.05 22.94 14.71
C SER D 101 33.90 24.08 15.25
N ASN D 102 35.18 24.08 14.87
CA ASN D 102 36.07 25.15 15.25
C ASN D 102 35.63 26.48 14.64
N ASP D 103 35.34 26.46 13.35
CA ASP D 103 35.02 27.67 12.60
C ASP D 103 33.53 27.97 12.54
N PHE D 104 32.70 27.00 12.93
CA PHE D 104 31.24 27.16 12.81
C PHE D 104 30.52 26.88 14.13
N GLU D 105 29.40 27.56 14.32
CA GLU D 105 28.52 27.32 15.46
C GLU D 105 28.12 25.85 15.50
N GLY D 106 27.86 25.30 14.32
CA GLY D 106 27.55 23.89 14.16
C GLY D 106 27.67 23.53 12.69
N THR D 107 27.89 22.25 12.42
CA THR D 107 28.06 21.78 11.05
C THR D 107 27.26 20.50 10.80
N VAL D 108 26.69 20.39 9.61
CA VAL D 108 25.94 19.19 9.23
C VAL D 108 26.91 18.13 8.70
N LEU D 110 27.63 13.61 8.32
CA LEU D 110 27.05 12.28 8.37
C LEU D 110 27.57 11.56 9.60
N GLY D 111 26.75 10.69 10.16
CA GLY D 111 27.14 9.95 11.34
C GLY D 111 28.38 9.11 11.05
N ASP D 112 29.12 8.77 12.09
CA ASP D 112 30.23 7.83 11.96
C ASP D 112 29.72 6.41 12.17
N ASP D 113 30.61 5.44 11.97
CA ASP D 113 30.27 4.05 12.21
C ASP D 113 30.18 3.74 13.70
N LYS D 114 30.52 4.72 14.53
CA LYS D 114 30.54 4.57 15.98
C LYS D 114 29.24 4.99 16.64
N ASN D 115 28.62 6.02 16.10
CA ASN D 115 27.41 6.61 16.68
C ASN D 115 26.31 6.68 15.61
N PRO D 116 25.46 5.64 15.55
CA PRO D 116 24.54 5.45 14.42
C PRO D 116 23.25 6.27 14.48
N VAL D 117 23.05 7.08 15.51
CA VAL D 117 21.82 7.85 15.65
C VAL D 117 21.89 9.18 14.90
N GLY D 118 20.77 9.57 14.28
CA GLY D 118 20.70 10.81 13.53
C GLY D 118 20.16 11.96 14.37
N SER D 119 20.43 13.19 13.93
CA SER D 119 19.92 14.37 14.63
C SER D 119 18.54 14.76 14.11
N LEU D 120 17.85 15.62 14.85
CA LEU D 120 16.49 16.04 14.48
C LEU D 120 16.48 17.39 13.78
N PHE D 121 15.71 17.49 12.70
CA PHE D 121 15.55 18.70 11.92
C PHE D 121 14.09 19.09 11.81
N PHE D 122 13.83 20.34 11.46
CA PHE D 122 12.51 20.80 11.02
C PHE D 122 12.62 21.36 9.61
N ILE D 123 11.61 21.10 8.79
CA ILE D 123 11.44 21.84 7.55
C ILE D 123 10.53 23.03 7.85
N LYS D 124 10.98 24.22 7.50
CA LYS D 124 10.20 25.44 7.73
C LYS D 124 9.98 26.16 6.41
N SER D 125 8.85 26.88 6.33
CA SER D 125 8.52 27.61 5.11
C SER D 125 9.50 28.76 4.88
N TYR D 126 9.79 29.01 3.61
CA TYR D 126 10.56 30.18 3.22
C TYR D 126 9.72 31.02 2.25
N ASP D 127 9.21 30.36 1.21
CA ASP D 127 8.27 30.98 0.28
C ASP D 127 7.28 29.92 -0.18
N SER D 128 6.12 29.89 0.48
CA SER D 128 5.12 28.84 0.24
C SER D 128 4.61 28.83 -1.19
N SER D 129 4.47 30.01 -1.77
CA SER D 129 3.96 30.14 -3.14
C SER D 129 4.85 29.42 -4.15
N LYS D 130 6.16 29.45 -3.90
CA LYS D 130 7.14 28.85 -4.81
C LYS D 130 7.60 27.47 -4.31
N ASN D 131 6.95 26.99 -3.25
CA ASN D 131 7.34 25.73 -2.63
C ASN D 131 8.82 25.75 -2.21
N TYR D 132 9.25 26.89 -1.69
CA TYR D 132 10.61 27.06 -1.17
C TYR D 132 10.62 26.88 0.34
N TYR D 133 11.57 26.11 0.83
CA TYR D 133 11.67 25.82 2.26
C TYR D 133 13.10 25.93 2.76
N LYS D 134 13.25 25.80 4.07
CA LYS D 134 14.56 25.77 4.69
C LYS D 134 14.59 24.71 5.79
N LEU D 135 15.80 24.31 6.17
CA LEU D 135 15.99 23.42 7.30
C LEU D 135 16.38 24.22 8.53
N VAL D 136 15.83 23.85 9.67
CA VAL D 136 16.24 24.45 10.94
C VAL D 136 16.45 23.37 11.99
N VAL D 137 17.33 23.66 12.95
CA VAL D 137 17.54 22.78 14.07
C VAL D 137 17.26 23.55 15.36
N CYS D 138 16.68 22.85 16.33
CA CYS D 138 16.36 23.43 17.63
C CYS D 138 17.00 22.59 18.72
N GLY D 139 16.90 23.04 19.96
CA GLY D 139 17.52 22.35 21.08
C GLY D 139 16.67 22.32 22.32
N GLY D 140 17.24 21.78 23.40
CA GLY D 140 16.56 21.71 24.68
C GLY D 140 15.37 20.76 24.67
N ARG D 141 14.17 21.33 24.71
CA ARG D 141 12.95 20.53 24.78
C ARG D 141 12.55 20.00 23.41
N GLY D 142 12.86 20.77 22.36
CA GLY D 142 12.52 20.38 21.01
C GLY D 142 12.39 21.54 20.06
N ASP D 143 12.04 22.71 20.59
CA ASP D 143 11.79 23.90 19.78
C ASP D 143 12.33 25.16 20.44
N GLU D 144 13.45 25.02 21.15
CA GLU D 144 14.11 26.14 21.81
C GLU D 144 15.40 26.52 21.08
N HIS D 145 15.62 27.82 20.94
CA HIS D 145 16.85 28.35 20.35
C HIS D 145 17.08 27.81 18.93
N CYS D 146 16.09 28.02 18.06
CA CYS D 146 16.16 27.49 16.71
C CYS D 146 17.17 28.26 15.85
N ARG D 147 17.79 27.53 14.92
CA ARG D 147 18.82 28.09 14.04
C ARG D 147 18.60 27.58 12.63
N ASN D 148 18.86 28.43 11.64
CA ASN D 148 18.78 28.02 10.25
C ASN D 148 19.93 27.09 9.86
N ILE D 149 19.70 26.27 8.84
CA ILE D 149 20.79 25.59 8.16
C ILE D 149 21.18 26.45 6.97
N GLY D 150 22.41 26.96 7.00
CA GLY D 150 22.91 27.78 5.91
C GLY D 150 24.13 27.15 5.30
N VAL D 151 24.79 27.89 4.42
CA VAL D 151 26.01 27.41 3.78
C VAL D 151 27.14 28.41 4.01
N ASP D 152 28.34 27.89 4.26
CA ASP D 152 29.50 28.73 4.53
C ASP D 152 30.78 28.01 4.11
N LYS D 153 31.75 28.77 3.60
CA LYS D 153 32.99 28.19 3.10
C LYS D 153 33.91 27.84 4.28
N ASP D 154 34.63 26.73 4.16
CA ASP D 154 35.55 26.30 5.20
C ASP D 154 37.00 26.41 4.74
N GLU D 155 37.92 25.88 5.54
CA GLU D 155 39.35 25.90 5.23
C GLU D 155 39.66 25.37 3.84
N ASN D 156 39.00 24.28 3.47
CA ASN D 156 39.30 23.58 2.22
C ASN D 156 38.53 24.12 1.03
N GLY D 157 37.80 25.21 1.24
CA GLY D 157 37.05 25.83 0.16
C GLY D 157 35.71 25.15 -0.11
N TYR D 158 35.38 24.14 0.69
CA TYR D 158 34.08 23.47 0.59
C TYR D 158 32.96 24.36 1.12
N LYS D 159 31.85 24.39 0.40
CA LYS D 159 30.67 25.10 0.86
C LYS D 159 29.86 24.19 1.78
N ARG D 160 30.13 24.33 3.08
CA ARG D 160 29.60 23.43 4.10
C ARG D 160 28.21 23.85 4.59
N LEU D 161 27.35 22.87 4.84
CA LEU D 161 26.07 23.16 5.48
C LEU D 161 26.32 23.35 6.98
N VAL D 162 25.90 24.51 7.50
CA VAL D 162 26.23 24.89 8.86
C VAL D 162 25.02 25.41 9.63
N VAL D 163 25.13 25.40 10.94
CA VAL D 163 24.13 25.99 11.81
C VAL D 163 24.43 27.46 11.97
N THR D 164 23.47 28.32 11.64
CA THR D 164 23.69 29.76 11.64
C THR D 164 22.45 30.58 11.95
N GLU D 165 22.67 31.81 12.39
CA GLU D 165 21.61 32.79 12.56
C GLU D 165 21.46 33.63 11.29
N GLY D 166 22.36 33.41 10.34
CA GLY D 166 22.34 34.15 9.08
C GLY D 166 21.32 33.58 8.12
N GLU D 167 21.43 33.97 6.84
CA GLU D 167 20.48 33.56 5.83
C GLU D 167 20.50 32.05 5.61
N PRO D 168 19.32 31.44 5.42
CA PRO D 168 19.26 29.98 5.28
C PRO D 168 19.61 29.50 3.88
N LEU D 169 19.89 28.20 3.76
CA LEU D 169 19.96 27.55 2.46
C LEU D 169 18.55 27.22 2.00
N VAL D 170 18.06 27.94 1.00
CA VAL D 170 16.70 27.73 0.50
C VAL D 170 16.67 26.47 -0.34
N LEU D 171 15.58 25.69 -0.22
CA LEU D 171 15.49 24.39 -0.85
C LEU D 171 14.12 24.09 -1.43
N GLN D 172 14.13 23.37 -2.54
CA GLN D 172 12.96 22.65 -3.04
C GLN D 172 13.21 21.17 -2.87
N PHE D 173 12.14 20.39 -2.81
CA PHE D 173 12.23 18.94 -2.72
C PHE D 173 11.70 18.32 -4.01
N ASP D 174 12.62 17.81 -4.83
CA ASP D 174 12.26 17.22 -6.13
C ASP D 174 11.99 15.72 -6.02
N LYS D 175 10.91 15.26 -6.66
CA LYS D 175 10.67 13.83 -6.81
C LYS D 175 11.88 13.19 -7.49
N VAL D 176 12.18 11.96 -7.11
CA VAL D 176 13.21 11.16 -7.76
C VAL D 176 12.54 10.08 -8.60
N ASN D 177 13.10 9.80 -9.78
CA ASN D 177 12.54 8.78 -10.66
C ASN D 177 13.52 7.66 -10.99
N LYS D 178 13.61 6.69 -10.10
CA LYS D 178 14.51 5.54 -10.29
C LYS D 178 13.75 4.33 -10.77
#